data_5DAC
#
_entry.id   5DAC
#
_cell.length_a   92.312
_cell.length_b   97.078
_cell.length_c   115.012
_cell.angle_alpha   90.00
_cell.angle_beta   90.00
_cell.angle_gamma   90.00
#
_symmetry.space_group_name_H-M   'P 21 21 21'
#
loop_
_entity.id
_entity.type
_entity.pdbx_description
1 polymer 'Putative uncharacterized protein,Putative uncharacterized protein'
2 polymer "DNA (5'-D(P*CP*CP*CP*CP*CP*CP*CP*CP*CP*CP*CP*CP*CP*CP*C)-3')"
3 polymer "DNA (5'-D(P*GP*GP*GP*GP*GP*GP*GP*GP*GP*GP*GP*GP*GP*GP*G)-3')"
4 non-polymer 'MAGNESIUM ION'
5 non-polymer 'PHOSPHOTHIOPHOSPHORIC ACID-ADENYLATE ESTER'
6 non-polymer '4-(2-AMINOETHYL)BENZENESULFONYL FLUORIDE'
7 water water
#
loop_
_entity_poly.entity_id
_entity_poly.type
_entity_poly.pdbx_seq_one_letter_code
_entity_poly.pdbx_strand_id
1 'polypeptide(L)'
;MSKIEKLSILGVRSFGPHHPETIAFNTPLTLIVGYNGSGKTTVIECLKYATTGELPPNSTRNGAFIHDPDLVGEKEVRAQ
VKLSFRSTIGESYVVTRNIQLLVQRNNKRTQKTLEGSLLLRNNGERTVISTRVAELDKLVSEKLGVPPAILDAVIFCHQD
DSLWPMSEPAALKKRFDEIFEAQKYTKVIENIRLLKKKKGDELKILKEREVQDKANKERAEKVDGGAGGAGGELDLKDAK
AKYKETHIKVETTKAAIEDLGRGMAAVDHAIMQYHSKMMEQINRTIAELWQSTYQGTDIDTIQIRSDVESTTSSDSGTRR
NYNYRVSMVKGDTEMDMRGRCSAGQKVLASIIIRLALAESFCANCGLIALDQPTTNLDSDNIRSLAESLHGIIKARQAQG
NLQLIVITHDEEFLKYMQCSDFCDDFYRVKRDEKQNSVIVRESITRITE
;
A,B
2 'polydeoxyribonucleotide' (DC)(DC)(DC)(DC)(DC)(DC)(DC)(DC)(DC)(DC)(DC)(DC)(DC)(DC)(DC) C
3 'polydeoxyribonucleotide' (DG)(DG)(DG)(DG)(DG)(DG)(DG)(DG)(DG)(DG)(DG)(DG)(DG)(DG)(DG) D
#
# COMPACT_ATOMS: atom_id res chain seq x y z
N SER A 2 -0.08 -31.94 -7.97
CA SER A 2 -0.42 -32.44 -6.65
C SER A 2 0.57 -32.00 -5.58
N LYS A 3 1.84 -31.96 -5.94
CA LYS A 3 2.91 -31.66 -4.99
C LYS A 3 4.11 -30.99 -5.67
N ILE A 4 4.77 -30.10 -4.92
CA ILE A 4 6.00 -29.47 -5.39
C ILE A 4 7.19 -30.06 -4.62
N GLU A 5 8.25 -30.49 -5.33
CA GLU A 5 9.31 -31.24 -4.69
C GLU A 5 10.60 -30.47 -4.42
N LYS A 6 11.22 -29.88 -5.43
CA LYS A 6 12.52 -29.25 -5.20
C LYS A 6 12.67 -27.95 -5.96
N LEU A 7 13.16 -26.92 -5.28
CA LEU A 7 13.36 -25.63 -5.95
C LEU A 7 14.83 -25.25 -5.95
N SER A 8 15.26 -24.67 -7.07
CA SER A 8 16.63 -24.24 -7.26
C SER A 8 16.69 -22.77 -7.73
N ILE A 9 17.53 -21.99 -7.06
CA ILE A 9 17.64 -20.54 -7.29
C ILE A 9 19.08 -20.12 -7.63
N LEU A 10 19.25 -19.40 -8.74
CA LEU A 10 20.59 -18.95 -9.14
C LEU A 10 20.57 -17.50 -9.63
N GLY A 11 21.34 -16.64 -8.96
CA GLY A 11 21.53 -15.28 -9.42
C GLY A 11 20.28 -14.42 -9.37
N VAL A 12 19.39 -14.73 -8.44
CA VAL A 12 18.17 -13.96 -8.24
C VAL A 12 18.35 -13.19 -6.96
N ARG A 13 18.21 -11.87 -7.05
CA ARG A 13 18.40 -10.98 -5.90
C ARG A 13 19.69 -11.31 -5.16
N SER A 14 19.60 -11.49 -3.84
CA SER A 14 20.76 -11.74 -3.01
C SER A 14 21.40 -13.14 -3.17
N PHE A 15 20.81 -13.99 -4.00
CA PHE A 15 21.46 -15.26 -4.31
C PHE A 15 22.52 -15.02 -5.39
N GLY A 16 23.76 -15.44 -5.13
CA GLY A 16 24.83 -15.30 -6.09
C GLY A 16 24.58 -16.04 -7.39
N PRO A 17 25.24 -15.61 -8.47
CA PRO A 17 25.07 -16.10 -9.84
C PRO A 17 25.92 -17.33 -10.14
N HIS A 18 26.81 -17.71 -9.22
CA HIS A 18 27.74 -18.80 -9.49
C HIS A 18 27.21 -20.16 -9.05
N HIS A 19 26.76 -20.25 -7.80
CA HIS A 19 26.31 -21.55 -7.30
C HIS A 19 24.89 -21.49 -6.77
N PRO A 20 24.00 -22.32 -7.36
CA PRO A 20 22.55 -22.43 -7.09
C PRO A 20 22.24 -22.95 -5.69
N GLU A 21 21.20 -22.39 -5.08
CA GLU A 21 20.71 -22.88 -3.79
C GLU A 21 19.41 -23.67 -3.96
N THR A 22 19.24 -24.71 -3.15
CA THR A 22 18.08 -25.58 -3.28
C THR A 22 17.35 -25.67 -1.95
N ILE A 23 16.03 -25.89 -2.05
CA ILE A 23 15.17 -26.20 -0.91
C ILE A 23 14.22 -27.31 -1.37
N ALA A 24 13.93 -28.26 -0.49
CA ALA A 24 13.00 -29.36 -0.77
C ALA A 24 11.76 -29.24 0.11
N PHE A 25 10.57 -29.38 -0.47
CA PHE A 25 9.36 -29.13 0.31
C PHE A 25 8.81 -30.39 0.97
N ASN A 26 8.50 -30.24 2.24
CA ASN A 26 8.02 -31.31 3.09
C ASN A 26 6.49 -31.44 3.06
N THR A 27 5.96 -32.48 3.70
CA THR A 27 4.52 -32.64 3.89
C THR A 27 4.26 -33.04 5.33
N PRO A 28 3.38 -32.31 6.04
CA PRO A 28 2.49 -31.26 5.51
C PRO A 28 3.00 -29.84 5.59
N LEU A 29 4.22 -29.65 6.10
CA LEU A 29 4.68 -28.31 6.42
C LEU A 29 6.15 -28.05 6.03
N THR A 30 6.42 -26.95 5.35
CA THR A 30 7.80 -26.50 5.15
C THR A 30 8.02 -25.24 5.96
N LEU A 31 8.93 -25.32 6.91
CA LEU A 31 9.25 -24.21 7.77
C LEU A 31 10.52 -23.50 7.29
N ILE A 32 10.44 -22.19 7.11
CA ILE A 32 11.58 -21.39 6.66
C ILE A 32 11.84 -20.19 7.59
N VAL A 33 13.00 -20.15 8.22
CA VAL A 33 13.34 -19.03 9.10
C VAL A 33 14.63 -18.36 8.64
N GLY A 34 14.90 -17.18 9.20
CA GLY A 34 16.09 -16.40 8.90
C GLY A 34 15.88 -14.95 9.32
N TYR A 35 16.98 -14.19 9.42
CA TYR A 35 16.94 -12.76 9.75
C TYR A 35 16.31 -11.90 8.67
N ASN A 36 16.03 -10.66 9.01
CA ASN A 36 15.65 -9.67 8.00
C ASN A 36 16.64 -9.66 6.82
N GLY A 37 16.13 -9.74 5.60
CA GLY A 37 17.00 -9.66 4.44
C GLY A 37 17.75 -10.93 4.12
N SER A 38 17.43 -12.03 4.81
CA SER A 38 18.10 -13.31 4.52
C SER A 38 17.90 -13.72 3.08
N GLY A 39 16.67 -13.50 2.60
CA GLY A 39 16.26 -13.98 1.28
C GLY A 39 15.06 -14.92 1.34
N LYS A 40 14.31 -14.90 2.43
CA LYS A 40 13.18 -15.83 2.55
C LYS A 40 12.08 -15.52 1.56
N THR A 41 11.72 -14.25 1.42
CA THR A 41 10.65 -13.89 0.50
C THR A 41 11.03 -14.18 -0.95
N THR A 42 12.34 -14.14 -1.25
CA THR A 42 12.80 -14.45 -2.60
C THR A 42 12.40 -15.87 -2.98
N VAL A 43 12.49 -16.77 -2.01
CA VAL A 43 12.16 -18.15 -2.25
C VAL A 43 10.71 -18.27 -2.76
N ILE A 44 9.80 -17.54 -2.12
CA ILE A 44 8.40 -17.55 -2.54
C ILE A 44 8.20 -16.89 -3.89
N GLU A 45 8.94 -15.82 -4.16
CA GLU A 45 8.93 -15.18 -5.46
C GLU A 45 9.32 -16.13 -6.59
N CYS A 46 10.38 -16.88 -6.39
CA CYS A 46 10.85 -17.82 -7.39
C CYS A 46 9.84 -18.95 -7.64
N LEU A 47 9.07 -19.29 -6.61
CA LEU A 47 8.01 -20.27 -6.77
C LEU A 47 6.92 -19.71 -7.66
N LYS A 48 6.61 -18.44 -7.43
CA LYS A 48 5.62 -17.78 -8.24
C LYS A 48 6.15 -17.70 -9.66
N TYR A 49 7.38 -17.22 -9.79
CA TYR A 49 7.99 -17.03 -11.08
C TYR A 49 8.05 -18.33 -11.88
N ALA A 50 8.44 -19.41 -11.23
CA ALA A 50 8.55 -20.69 -11.89
C ALA A 50 7.20 -21.19 -12.43
N THR A 51 6.15 -21.00 -11.64
CA THR A 51 4.83 -21.51 -11.98
C THR A 51 4.04 -20.62 -12.94
N THR A 52 4.25 -19.30 -12.88
CA THR A 52 3.43 -18.38 -13.69
C THR A 52 4.25 -17.43 -14.57
N GLY A 53 5.54 -17.31 -14.30
CA GLY A 53 6.36 -16.39 -15.05
C GLY A 53 6.26 -14.95 -14.60
N GLU A 54 5.38 -14.67 -13.66
CA GLU A 54 5.24 -13.33 -13.08
C GLU A 54 6.41 -12.97 -12.19
N LEU A 55 6.90 -11.75 -12.30
CA LEU A 55 7.96 -11.27 -11.44
C LEU A 55 7.37 -10.51 -10.27
N PRO A 56 8.19 -10.26 -9.25
CA PRO A 56 7.66 -9.53 -8.09
C PRO A 56 7.21 -8.12 -8.50
N PRO A 57 6.18 -7.57 -7.83
CA PRO A 57 5.72 -6.23 -8.17
C PRO A 57 6.81 -5.21 -7.88
N ASN A 58 6.94 -4.20 -8.74
CA ASN A 58 7.99 -3.19 -8.61
C ASN A 58 9.35 -3.76 -9.02
N SER A 59 9.37 -4.94 -9.65
CA SER A 59 10.65 -5.50 -10.06
C SER A 59 10.75 -5.93 -11.53
N THR A 60 9.74 -5.61 -12.34
CA THR A 60 9.75 -5.99 -13.75
C THR A 60 10.67 -5.07 -14.55
N ARG A 61 11.13 -4.00 -13.92
CA ARG A 61 12.02 -3.07 -14.60
C ARG A 61 13.30 -2.87 -13.79
N ASN A 62 14.38 -2.55 -14.49
CA ASN A 62 15.67 -2.30 -13.86
C ASN A 62 16.31 -3.57 -13.31
N GLY A 63 15.68 -4.70 -13.59
CA GLY A 63 16.28 -6.00 -13.27
C GLY A 63 16.54 -6.12 -11.78
N ALA A 64 15.64 -5.54 -10.98
CA ALA A 64 15.75 -5.61 -9.55
C ALA A 64 15.71 -7.05 -9.08
N PHE A 65 14.98 -7.91 -9.79
CA PHE A 65 14.92 -9.32 -9.46
C PHE A 65 16.22 -10.08 -9.73
N ILE A 66 16.95 -9.68 -10.76
CA ILE A 66 18.21 -10.37 -11.08
C ILE A 66 19.33 -9.83 -10.21
N HIS A 67 20.12 -10.74 -9.63
CA HIS A 67 21.29 -10.37 -8.83
C HIS A 67 22.07 -9.32 -9.57
N ASP A 68 22.34 -8.20 -8.91
CA ASP A 68 22.95 -7.06 -9.58
C ASP A 68 24.36 -7.29 -10.07
N PRO A 69 24.57 -7.14 -11.38
CA PRO A 69 25.87 -7.26 -12.06
C PRO A 69 26.99 -6.51 -11.33
N ASP A 70 26.70 -5.36 -10.76
CA ASP A 70 27.75 -4.59 -10.11
C ASP A 70 28.37 -5.33 -8.93
N LEU A 71 27.57 -6.13 -8.25
CA LEU A 71 28.09 -6.81 -7.06
C LEU A 71 29.21 -7.80 -7.36
N VAL A 72 29.18 -8.40 -8.54
CA VAL A 72 30.15 -9.45 -8.84
C VAL A 72 31.45 -8.93 -9.46
N GLY A 73 31.38 -7.82 -10.19
CA GLY A 73 32.53 -7.31 -10.91
C GLY A 73 32.49 -7.69 -12.38
N GLU A 74 31.32 -8.16 -12.82
CA GLU A 74 31.07 -8.50 -14.21
C GLU A 74 29.95 -7.59 -14.71
N LYS A 75 29.76 -7.50 -16.01
CA LYS A 75 28.73 -6.59 -16.56
C LYS A 75 27.44 -7.30 -16.94
N GLU A 76 27.40 -8.62 -16.79
CA GLU A 76 26.23 -9.38 -17.16
C GLU A 76 25.93 -10.53 -16.19
N VAL A 77 24.67 -10.65 -15.79
CA VAL A 77 24.26 -11.76 -14.92
C VAL A 77 23.10 -12.53 -15.53
N ARG A 78 23.21 -13.85 -15.49
CA ARG A 78 22.11 -14.70 -15.94
C ARG A 78 21.52 -15.41 -14.73
N ALA A 79 20.20 -15.31 -14.57
CA ALA A 79 19.50 -15.95 -13.46
C ALA A 79 18.76 -17.18 -13.96
N GLN A 80 18.67 -18.20 -13.10
CA GLN A 80 17.92 -19.41 -13.44
C GLN A 80 17.15 -19.90 -12.23
N VAL A 81 15.90 -20.30 -12.45
CA VAL A 81 15.07 -20.90 -11.40
C VAL A 81 14.48 -22.23 -11.86
N LYS A 82 14.68 -23.27 -11.06
CA LYS A 82 14.19 -24.59 -11.42
C LYS A 82 13.24 -25.11 -10.38
N LEU A 83 12.08 -25.60 -10.83
CA LEU A 83 11.09 -26.18 -9.93
C LEU A 83 10.66 -27.58 -10.40
N SER A 84 10.85 -28.58 -9.56
CA SER A 84 10.40 -29.93 -9.88
C SER A 84 9.11 -30.24 -9.11
N PHE A 85 8.13 -30.85 -9.76
CA PHE A 85 6.83 -31.10 -9.14
C PHE A 85 6.13 -32.32 -9.72
N ARG A 86 5.06 -32.75 -9.07
CA ARG A 86 4.29 -33.87 -9.56
C ARG A 86 2.85 -33.48 -9.91
N SER A 87 2.38 -33.95 -11.06
CA SER A 87 1.05 -33.56 -11.53
C SER A 87 -0.02 -34.22 -10.69
N THR A 88 -1.28 -33.88 -10.97
CA THR A 88 -2.40 -34.50 -10.25
C THR A 88 -2.30 -36.02 -10.41
N ILE A 89 -1.97 -36.46 -11.62
CA ILE A 89 -1.51 -37.82 -11.85
C ILE A 89 -0.06 -37.92 -11.40
N GLY A 90 0.43 -39.13 -11.17
CA GLY A 90 1.76 -39.34 -10.62
C GLY A 90 2.92 -38.61 -11.29
N GLU A 91 2.71 -38.17 -12.52
CA GLU A 91 3.79 -37.74 -13.42
C GLU A 91 4.73 -36.69 -12.84
N SER A 92 6.00 -36.77 -13.21
CA SER A 92 7.04 -35.94 -12.60
C SER A 92 7.60 -34.95 -13.62
N TYR A 93 7.56 -33.67 -13.28
CA TYR A 93 8.03 -32.62 -14.19
C TYR A 93 9.06 -31.69 -13.56
N VAL A 94 9.80 -30.99 -14.43
CA VAL A 94 10.61 -29.85 -14.01
C VAL A 94 10.50 -28.71 -15.02
N VAL A 95 10.16 -27.51 -14.54
CA VAL A 95 10.13 -26.32 -15.37
C VAL A 95 11.34 -25.44 -15.07
N THR A 96 12.03 -25.03 -16.12
CA THR A 96 13.20 -24.17 -15.99
C THR A 96 12.99 -22.85 -16.70
N ARG A 97 13.34 -21.76 -16.05
CA ARG A 97 13.25 -20.44 -16.67
C ARG A 97 14.57 -19.69 -16.50
N ASN A 98 14.96 -18.89 -17.49
CA ASN A 98 16.23 -18.19 -17.45
C ASN A 98 16.04 -16.71 -17.72
N ILE A 99 16.78 -15.86 -17.01
CA ILE A 99 16.67 -14.41 -17.19
C ILE A 99 18.03 -13.75 -17.17
N GLN A 100 18.19 -12.72 -17.99
CA GLN A 100 19.46 -12.03 -18.10
C GLN A 100 19.33 -10.53 -17.84
N LEU A 101 20.30 -9.95 -17.16
CA LEU A 101 20.30 -8.52 -16.90
C LEU A 101 21.65 -7.96 -17.31
N LEU A 102 21.62 -7.08 -18.32
CA LEU A 102 22.82 -6.54 -18.94
C LEU A 102 23.07 -5.10 -18.50
N VAL A 103 24.32 -4.74 -18.22
CA VAL A 103 24.67 -3.33 -18.08
C VAL A 103 25.11 -2.88 -19.48
N GLN A 104 24.23 -2.15 -20.17
CA GLN A 104 24.40 -1.85 -21.59
C GLN A 104 25.48 -0.84 -21.97
N ARG A 105 25.71 -0.72 -23.28
CA ARG A 105 26.66 0.26 -23.81
C ARG A 105 26.23 1.64 -23.32
N ASN A 106 24.91 1.86 -23.25
CA ASN A 106 24.40 3.02 -22.50
C ASN A 106 24.44 2.48 -21.08
N ASN A 107 24.81 3.29 -20.11
CA ASN A 107 25.20 2.68 -18.85
C ASN A 107 24.14 1.99 -18.01
N LYS A 108 22.89 2.44 -18.04
CA LYS A 108 21.90 1.82 -17.16
C LYS A 108 21.41 0.45 -17.66
N ARG A 109 21.18 -0.43 -16.68
CA ARG A 109 20.72 -1.82 -16.83
C ARG A 109 19.49 -2.09 -17.68
N THR A 110 19.54 -3.18 -18.45
CA THR A 110 18.34 -3.74 -19.07
C THR A 110 18.25 -5.26 -18.93
N GLN A 111 17.05 -5.74 -18.65
CA GLN A 111 16.80 -7.14 -18.41
C GLN A 111 16.13 -7.79 -19.60
N LYS A 112 16.58 -9.01 -19.90
CA LYS A 112 16.04 -9.77 -21.01
C LYS A 112 15.64 -11.19 -20.57
N THR A 113 14.52 -11.68 -21.11
CA THR A 113 14.07 -13.03 -20.81
C THR A 113 14.60 -14.04 -21.82
N LEU A 114 15.44 -14.96 -21.34
CA LEU A 114 16.03 -15.98 -22.21
C LEU A 114 15.10 -17.18 -22.38
N GLU A 115 15.67 -18.23 -22.94
CA GLU A 115 14.95 -19.49 -23.19
C GLU A 115 14.49 -20.21 -21.92
N GLY A 116 13.30 -20.80 -21.99
CA GLY A 116 12.76 -21.58 -20.89
C GLY A 116 12.44 -22.98 -21.36
N SER A 117 11.98 -23.84 -20.44
CA SER A 117 11.66 -25.23 -20.78
C SER A 117 10.78 -25.94 -19.77
N LEU A 118 9.77 -26.65 -20.26
CA LEU A 118 9.06 -27.63 -19.43
C LEU A 118 9.56 -29.01 -19.80
N LEU A 119 10.04 -29.76 -18.81
CA LEU A 119 10.67 -31.04 -19.05
C LEU A 119 10.04 -32.17 -18.24
N LEU A 120 9.67 -33.25 -18.93
CA LEU A 120 8.99 -34.38 -18.29
C LEU A 120 9.95 -35.49 -17.91
N ARG A 121 9.77 -36.00 -16.70
CA ARG A 121 10.66 -37.07 -16.27
C ARG A 121 10.00 -38.44 -16.21
N ASN A 122 10.60 -39.29 -17.01
CA ASN A 122 10.40 -40.71 -17.01
C ASN A 122 11.68 -41.04 -16.30
N ASN A 123 11.61 -41.71 -15.15
CA ASN A 123 12.84 -41.87 -14.37
C ASN A 123 14.01 -42.43 -15.18
N GLY A 124 14.99 -41.56 -15.39
CA GLY A 124 16.17 -41.85 -16.18
C GLY A 124 16.14 -41.28 -17.58
N GLU A 125 15.04 -40.59 -17.90
CA GLU A 125 14.91 -39.94 -19.20
C GLU A 125 14.21 -38.59 -19.12
N ARG A 126 14.82 -37.59 -19.74
CA ARG A 126 14.26 -36.25 -19.75
C ARG A 126 13.59 -36.05 -21.11
N THR A 127 12.44 -35.41 -21.10
CA THR A 127 11.79 -35.08 -22.37
C THR A 127 11.23 -33.67 -22.33
N VAL A 128 11.51 -32.90 -23.37
CA VAL A 128 10.99 -31.54 -23.40
C VAL A 128 9.54 -31.66 -23.85
N ILE A 129 8.64 -31.18 -23.02
CA ILE A 129 7.24 -31.14 -23.37
C ILE A 129 7.01 -29.85 -24.14
N SER A 130 7.77 -28.83 -23.76
CA SER A 130 7.64 -27.49 -24.34
C SER A 130 8.85 -26.63 -24.00
N THR A 131 9.18 -25.70 -24.90
CA THR A 131 10.21 -24.68 -24.68
C THR A 131 9.61 -23.34 -25.04
N ARG A 132 8.29 -23.24 -24.90
CA ARG A 132 7.56 -22.02 -25.19
C ARG A 132 7.26 -21.25 -23.92
N VAL A 133 7.94 -20.12 -23.76
CA VAL A 133 7.86 -19.38 -22.51
C VAL A 133 6.44 -18.87 -22.33
N ALA A 134 5.75 -18.68 -23.44
CA ALA A 134 4.34 -18.32 -23.40
C ALA A 134 3.50 -19.51 -22.97
N GLU A 135 3.97 -20.70 -23.35
CA GLU A 135 3.21 -21.93 -23.16
C GLU A 135 3.47 -22.56 -21.79
N LEU A 136 4.61 -22.23 -21.20
CA LEU A 136 4.97 -22.81 -19.90
C LEU A 136 3.91 -22.51 -18.85
N ASP A 137 3.45 -21.26 -18.81
CA ASP A 137 2.38 -20.88 -17.92
C ASP A 137 1.20 -21.83 -18.00
N LYS A 138 0.66 -21.99 -19.21
CA LYS A 138 -0.53 -22.82 -19.40
C LYS A 138 -0.25 -24.26 -18.99
N LEU A 139 0.86 -24.80 -19.44
CA LEU A 139 1.14 -26.21 -19.19
C LEU A 139 1.34 -26.47 -17.70
N VAL A 140 2.10 -25.60 -17.04
CA VAL A 140 2.44 -25.87 -15.66
C VAL A 140 1.19 -25.84 -14.79
N SER A 141 0.34 -24.82 -14.99
CA SER A 141 -0.83 -24.68 -14.14
C SER A 141 -1.76 -25.87 -14.30
N GLU A 142 -1.85 -26.40 -15.52
CA GLU A 142 -2.67 -27.59 -15.74
C GLU A 142 -2.14 -28.78 -14.97
N LYS A 143 -0.82 -28.95 -15.00
CA LYS A 143 -0.18 -30.10 -14.36
C LYS A 143 -0.30 -30.01 -12.85
N LEU A 144 -0.14 -28.80 -12.32
CA LEU A 144 -0.27 -28.61 -10.88
C LEU A 144 -1.71 -28.81 -10.45
N GLY A 145 -2.64 -28.49 -11.35
CA GLY A 145 -4.05 -28.62 -11.03
C GLY A 145 -4.63 -27.38 -10.38
N VAL A 146 -3.99 -26.24 -10.58
CA VAL A 146 -4.46 -24.98 -10.00
C VAL A 146 -4.38 -23.84 -11.03
N PRO A 147 -5.46 -23.05 -11.11
CA PRO A 147 -5.58 -21.86 -11.98
C PRO A 147 -4.47 -20.84 -11.78
N PRO A 148 -4.16 -20.07 -12.82
CA PRO A 148 -3.07 -19.08 -12.80
C PRO A 148 -3.31 -17.95 -11.80
N ALA A 149 -4.55 -17.44 -11.75
CA ALA A 149 -4.93 -16.35 -10.84
C ALA A 149 -4.88 -16.77 -9.37
N ILE A 150 -5.01 -18.07 -9.11
CA ILE A 150 -4.92 -18.57 -7.73
C ILE A 150 -3.47 -18.68 -7.29
N LEU A 151 -2.62 -19.16 -8.20
CA LEU A 151 -1.18 -19.16 -7.95
C LEU A 151 -0.68 -17.74 -7.68
N ASP A 152 -1.25 -16.77 -8.40
CA ASP A 152 -0.84 -15.35 -8.33
C ASP A 152 -1.30 -14.60 -7.06
N ALA A 153 -2.58 -14.72 -6.75
CA ALA A 153 -3.20 -13.95 -5.67
C ALA A 153 -3.24 -14.68 -4.33
N VAL A 154 -3.37 -16.00 -4.40
CA VAL A 154 -3.68 -16.82 -3.23
C VAL A 154 -2.55 -17.73 -2.75
N ILE A 155 -2.00 -18.53 -3.65
CA ILE A 155 -1.02 -19.53 -3.24
C ILE A 155 0.34 -18.87 -2.95
N PHE A 156 0.81 -18.10 -3.92
CA PHE A 156 2.15 -17.54 -3.90
C PHE A 156 2.15 -16.01 -3.86
N CYS A 157 1.16 -15.46 -3.15
CA CYS A 157 0.94 -14.03 -3.05
C CYS A 157 2.18 -13.32 -2.49
N HIS A 158 2.65 -12.27 -3.16
CA HIS A 158 3.83 -11.57 -2.69
C HIS A 158 3.54 -10.92 -1.35
N GLN A 159 4.56 -10.93 -0.49
CA GLN A 159 4.44 -10.34 0.84
C GLN A 159 4.00 -8.88 0.75
N ASP A 160 4.49 -8.17 -0.27
CA ASP A 160 4.12 -6.77 -0.41
C ASP A 160 2.68 -6.61 -0.82
N ASP A 161 2.02 -7.72 -1.14
CA ASP A 161 0.68 -7.65 -1.69
C ASP A 161 -0.34 -8.43 -0.88
N SER A 162 0.10 -8.96 0.25
CA SER A 162 -0.72 -9.91 1.00
C SER A 162 -1.98 -9.30 1.63
N LEU A 163 -2.13 -7.97 1.57
CA LEU A 163 -3.31 -7.32 2.13
C LEU A 163 -4.32 -6.94 1.05
N TRP A 164 -4.20 -7.54 -0.12
CA TRP A 164 -5.07 -7.14 -1.21
C TRP A 164 -6.57 -7.32 -0.89
N PRO A 165 -6.93 -8.32 -0.07
CA PRO A 165 -8.35 -8.47 0.26
C PRO A 165 -8.93 -7.23 0.94
N MET A 166 -8.05 -6.44 1.56
CA MET A 166 -8.48 -5.30 2.33
C MET A 166 -8.31 -4.03 1.53
N SER A 167 -8.03 -4.19 0.25
CA SER A 167 -7.72 -3.04 -0.61
C SER A 167 -8.97 -2.34 -1.12
N GLU A 168 -8.77 -1.26 -1.87
CA GLU A 168 -9.91 -0.49 -2.38
C GLU A 168 -10.78 -1.34 -3.31
N PRO A 169 -12.11 -1.11 -3.27
CA PRO A 169 -13.16 -1.88 -3.95
C PRO A 169 -12.80 -2.30 -5.38
N ALA A 170 -12.32 -1.37 -6.20
CA ALA A 170 -11.97 -1.71 -7.57
C ALA A 170 -10.85 -2.73 -7.59
N ALA A 171 -9.85 -2.53 -6.75
CA ALA A 171 -8.71 -3.42 -6.73
C ALA A 171 -9.14 -4.82 -6.31
N LEU A 172 -10.03 -4.89 -5.32
CA LEU A 172 -10.52 -6.17 -4.83
C LEU A 172 -11.31 -6.85 -5.94
N LYS A 173 -12.10 -6.04 -6.63
CA LYS A 173 -13.02 -6.52 -7.66
C LYS A 173 -12.24 -7.14 -8.81
N LYS A 174 -11.14 -6.50 -9.17
CA LYS A 174 -10.35 -6.95 -10.30
C LYS A 174 -9.84 -8.36 -10.00
N ARG A 175 -9.36 -8.57 -8.78
CA ARG A 175 -8.80 -9.86 -8.41
C ARG A 175 -9.85 -10.95 -8.28
N PHE A 176 -11.02 -10.60 -7.71
CA PHE A 176 -12.10 -11.58 -7.67
C PHE A 176 -12.56 -11.85 -9.09
N ASP A 177 -12.50 -10.83 -9.93
CA ASP A 177 -12.86 -10.99 -11.32
C ASP A 177 -11.90 -11.94 -12.02
N GLU A 178 -10.62 -11.74 -11.78
CA GLU A 178 -9.60 -12.59 -12.40
C GLU A 178 -9.84 -14.01 -11.91
N ILE A 179 -10.07 -14.15 -10.60
CA ILE A 179 -10.29 -15.46 -10.00
C ILE A 179 -11.54 -16.10 -10.57
N PHE A 180 -12.55 -15.29 -10.85
CA PHE A 180 -13.76 -15.78 -11.50
C PHE A 180 -13.77 -15.55 -13.01
N GLU A 181 -13.21 -16.47 -13.78
CA GLU A 181 -13.11 -16.31 -15.23
C GLU A 181 -14.45 -16.18 -15.97
N ALA A 182 -15.01 -14.97 -15.94
CA ALA A 182 -16.34 -14.71 -16.52
C ALA A 182 -16.38 -14.43 -18.02
N GLN A 183 -15.23 -14.18 -18.64
CA GLN A 183 -15.23 -13.77 -20.04
C GLN A 183 -15.48 -14.90 -21.02
N LYS A 184 -14.95 -16.09 -20.74
CA LYS A 184 -15.01 -17.18 -21.71
C LYS A 184 -16.44 -17.61 -21.97
N TYR A 185 -17.20 -17.72 -20.88
CA TYR A 185 -18.56 -18.22 -21.00
C TYR A 185 -19.57 -17.13 -21.41
N THR A 186 -19.33 -15.88 -21.05
CA THR A 186 -20.26 -14.85 -21.46
C THR A 186 -20.23 -14.67 -22.97
N LYS A 187 -19.08 -14.93 -23.60
CA LYS A 187 -18.95 -14.82 -25.06
C LYS A 187 -19.66 -15.95 -25.80
N VAL A 188 -19.67 -17.12 -25.18
CA VAL A 188 -20.47 -18.26 -25.63
C VAL A 188 -21.94 -17.88 -25.73
N ILE A 189 -22.43 -17.23 -24.68
CA ILE A 189 -23.81 -16.82 -24.58
C ILE A 189 -24.20 -15.82 -25.65
N GLU A 190 -23.30 -14.89 -25.94
CA GLU A 190 -23.56 -13.88 -26.96
C GLU A 190 -23.68 -14.47 -28.34
N ASN A 191 -22.87 -15.48 -28.63
CA ASN A 191 -22.92 -16.10 -29.95
C ASN A 191 -24.21 -16.88 -30.15
N ILE A 192 -24.67 -17.55 -29.09
CA ILE A 192 -25.95 -18.24 -29.12
C ILE A 192 -27.07 -17.22 -29.34
N ARG A 193 -26.95 -16.08 -28.67
CA ARG A 193 -27.96 -15.05 -28.76
C ARG A 193 -28.05 -14.58 -30.21
N LEU A 194 -26.92 -14.50 -30.88
CA LEU A 194 -26.91 -14.06 -32.27
C LEU A 194 -27.77 -14.98 -33.11
N LEU A 195 -27.52 -16.27 -32.99
CA LEU A 195 -28.27 -17.27 -33.73
C LEU A 195 -29.76 -17.21 -33.40
N LYS A 196 -30.07 -17.11 -32.10
CA LYS A 196 -31.45 -17.09 -31.65
C LYS A 196 -32.23 -15.93 -32.30
N LYS A 197 -31.61 -14.76 -32.35
CA LYS A 197 -32.19 -13.59 -33.01
C LYS A 197 -32.38 -13.79 -34.51
N LYS A 198 -31.42 -14.47 -35.13
CA LYS A 198 -31.49 -14.72 -36.56
C LYS A 198 -32.65 -15.67 -36.85
N LYS A 199 -32.80 -16.71 -36.02
CA LYS A 199 -33.95 -17.60 -36.17
C LYS A 199 -35.24 -16.85 -35.90
N GLY A 200 -35.16 -15.85 -35.03
CA GLY A 200 -36.32 -15.02 -34.76
C GLY A 200 -36.80 -14.25 -35.98
N ASP A 201 -35.87 -13.71 -36.74
CA ASP A 201 -36.24 -13.03 -37.97
C ASP A 201 -36.83 -13.98 -38.99
N GLU A 202 -36.23 -15.16 -39.12
CA GLU A 202 -36.72 -16.16 -40.06
C GLU A 202 -38.14 -16.50 -39.69
N LEU A 203 -38.40 -16.49 -38.38
CA LEU A 203 -39.70 -16.89 -37.87
C LEU A 203 -40.77 -15.88 -38.28
N LYS A 204 -40.40 -14.60 -38.26
CA LYS A 204 -41.32 -13.54 -38.63
C LYS A 204 -41.71 -13.71 -40.08
N ILE A 205 -40.72 -13.98 -40.92
CA ILE A 205 -40.98 -14.18 -42.34
C ILE A 205 -41.79 -15.44 -42.54
N LEU A 206 -41.52 -16.46 -41.73
CA LEU A 206 -42.19 -17.76 -41.85
C LEU A 206 -43.65 -17.68 -41.46
N LYS A 207 -43.93 -16.96 -40.37
CA LYS A 207 -45.30 -16.84 -39.91
C LYS A 207 -46.17 -16.12 -40.95
N GLU A 208 -45.57 -15.13 -41.61
CA GLU A 208 -46.21 -14.39 -42.68
C GLU A 208 -46.64 -15.32 -43.81
N ARG A 209 -45.65 -16.01 -44.37
CA ARG A 209 -45.84 -16.96 -45.47
C ARG A 209 -46.89 -18.00 -45.14
N GLU A 210 -47.01 -18.34 -43.86
CA GLU A 210 -47.96 -19.36 -43.43
C GLU A 210 -49.40 -18.87 -43.54
N VAL A 211 -49.61 -17.64 -43.09
CA VAL A 211 -50.89 -16.96 -43.22
C VAL A 211 -51.31 -16.86 -44.69
N GLN A 212 -50.32 -16.67 -45.55
CA GLN A 212 -50.50 -16.60 -46.99
C GLN A 212 -50.91 -17.97 -47.52
N ASP A 213 -50.23 -19.01 -47.04
CA ASP A 213 -50.53 -20.37 -47.46
C ASP A 213 -51.84 -20.88 -46.87
N LYS A 214 -52.19 -20.42 -45.66
CA LYS A 214 -53.49 -20.77 -45.09
C LYS A 214 -54.62 -20.25 -45.93
N ALA A 215 -54.51 -18.99 -46.36
CA ALA A 215 -55.56 -18.37 -47.18
C ALA A 215 -55.66 -19.10 -48.50
N ASN A 216 -54.54 -19.51 -49.07
CA ASN A 216 -54.61 -20.23 -50.33
C ASN A 216 -55.26 -21.59 -50.15
N LYS A 217 -55.04 -22.22 -49.00
CA LYS A 217 -55.68 -23.50 -48.73
C LYS A 217 -57.18 -23.36 -48.59
N GLU A 218 -57.59 -22.29 -47.91
CA GLU A 218 -58.99 -21.95 -47.68
C GLU A 218 -59.69 -21.55 -48.99
N ARG A 219 -58.95 -20.96 -49.91
CA ARG A 219 -59.46 -20.58 -51.22
C ARG A 219 -59.73 -21.83 -52.06
N ALA A 220 -58.84 -22.80 -51.92
CA ALA A 220 -58.98 -24.07 -52.64
C ALA A 220 -60.15 -24.91 -52.15
N GLU A 221 -60.50 -24.77 -50.87
CA GLU A 221 -61.65 -25.47 -50.31
C GLU A 221 -62.95 -25.14 -51.03
N ASP A 235 -56.94 -29.02 -57.13
CA ASP A 235 -55.63 -28.67 -56.65
C ASP A 235 -55.64 -28.42 -55.15
N LEU A 236 -56.78 -28.67 -54.52
CA LEU A 236 -56.94 -28.44 -53.08
C LEU A 236 -55.94 -29.25 -52.27
N LYS A 237 -55.61 -30.43 -52.79
CA LYS A 237 -54.66 -31.31 -52.14
C LYS A 237 -53.27 -30.68 -52.18
N ASP A 238 -52.99 -30.01 -53.29
CA ASP A 238 -51.72 -29.32 -53.45
C ASP A 238 -51.62 -28.26 -52.37
N ALA A 239 -52.69 -27.49 -52.23
CA ALA A 239 -52.73 -26.37 -51.29
C ALA A 239 -52.57 -26.79 -49.84
N LYS A 240 -53.13 -27.94 -49.48
CA LYS A 240 -53.03 -28.42 -48.11
C LYS A 240 -51.60 -28.87 -47.81
N ALA A 241 -50.92 -29.35 -48.85
CA ALA A 241 -49.56 -29.82 -48.74
C ALA A 241 -48.65 -28.64 -48.41
N LYS A 242 -48.82 -27.56 -49.16
CA LYS A 242 -48.00 -26.36 -49.01
C LYS A 242 -48.22 -25.68 -47.67
N TYR A 243 -49.47 -25.71 -47.20
CA TYR A 243 -49.86 -25.15 -45.90
C TYR A 243 -49.21 -25.93 -44.75
N LYS A 244 -49.22 -27.26 -44.85
CA LYS A 244 -48.62 -28.12 -43.84
C LYS A 244 -47.12 -27.94 -43.84
N GLU A 245 -46.57 -27.98 -45.04
CA GLU A 245 -45.15 -27.81 -45.22
C GLU A 245 -44.72 -26.52 -44.57
N THR A 246 -45.45 -25.45 -44.82
CA THR A 246 -45.08 -24.17 -44.24
C THR A 246 -45.30 -24.15 -42.73
N HIS A 247 -46.40 -24.76 -42.28
CA HIS A 247 -46.70 -24.79 -40.86
C HIS A 247 -45.68 -25.59 -40.03
N ILE A 248 -45.24 -26.73 -40.56
CA ILE A 248 -44.26 -27.56 -39.86
C ILE A 248 -42.93 -26.78 -39.75
N LYS A 249 -42.59 -26.01 -40.78
CA LYS A 249 -41.39 -25.15 -40.76
C LYS A 249 -41.51 -24.08 -39.68
N VAL A 250 -42.72 -23.58 -39.47
CA VAL A 250 -42.95 -22.59 -38.43
C VAL A 250 -42.69 -23.22 -37.06
N GLU A 251 -43.31 -24.36 -36.79
CA GLU A 251 -43.15 -25.01 -35.50
C GLU A 251 -41.72 -25.45 -35.24
N THR A 252 -41.06 -25.91 -36.29
CA THR A 252 -39.68 -26.38 -36.17
C THR A 252 -38.75 -25.23 -35.75
N THR A 253 -38.99 -24.06 -36.32
CA THR A 253 -38.23 -22.86 -36.01
C THR A 253 -38.51 -22.40 -34.59
N LYS A 254 -39.77 -22.49 -34.18
CA LYS A 254 -40.12 -22.13 -32.80
C LYS A 254 -39.32 -23.02 -31.84
N ALA A 255 -39.28 -24.32 -32.17
CA ALA A 255 -38.58 -25.29 -31.35
C ALA A 255 -37.08 -24.95 -31.29
N ALA A 256 -36.53 -24.56 -32.44
CA ALA A 256 -35.13 -24.19 -32.54
C ALA A 256 -34.86 -22.96 -31.68
N ILE A 257 -35.79 -22.01 -31.69
CA ILE A 257 -35.65 -20.82 -30.88
C ILE A 257 -35.65 -21.17 -29.39
N GLU A 258 -36.54 -22.06 -29.02
CA GLU A 258 -36.65 -22.51 -27.64
C GLU A 258 -35.38 -23.25 -27.20
N ASP A 259 -34.84 -24.12 -28.05
CA ASP A 259 -33.64 -24.87 -27.70
C ASP A 259 -32.44 -23.95 -27.50
N LEU A 260 -32.30 -22.96 -28.36
CA LEU A 260 -31.20 -22.00 -28.24
C LEU A 260 -31.36 -21.18 -26.99
N GLY A 261 -32.59 -20.72 -26.75
CA GLY A 261 -32.90 -19.93 -25.58
C GLY A 261 -32.64 -20.66 -24.29
N ARG A 262 -33.11 -21.90 -24.22
CA ARG A 262 -32.89 -22.74 -23.04
C ARG A 262 -31.41 -23.04 -22.81
N GLY A 263 -30.66 -23.24 -23.89
CA GLY A 263 -29.22 -23.47 -23.76
C GLY A 263 -28.51 -22.24 -23.19
N MET A 264 -28.90 -21.07 -23.65
CA MET A 264 -28.35 -19.79 -23.20
C MET A 264 -28.57 -19.61 -21.70
N ALA A 265 -29.80 -19.88 -21.26
CA ALA A 265 -30.18 -19.79 -19.85
C ALA A 265 -29.44 -20.81 -18.98
N ALA A 266 -29.34 -22.05 -19.47
CA ALA A 266 -28.60 -23.08 -18.74
C ALA A 266 -27.14 -22.65 -18.54
N VAL A 267 -26.54 -22.04 -19.57
CA VAL A 267 -25.17 -21.59 -19.44
C VAL A 267 -25.07 -20.48 -18.41
N ASP A 268 -25.92 -19.46 -18.55
CA ASP A 268 -25.90 -18.33 -17.65
C ASP A 268 -26.23 -18.75 -16.24
N HIS A 269 -27.20 -19.65 -16.10
CA HIS A 269 -27.60 -20.09 -14.78
C HIS A 269 -26.47 -20.84 -14.12
N ALA A 270 -25.79 -21.68 -14.90
CA ALA A 270 -24.68 -22.46 -14.36
C ALA A 270 -23.63 -21.54 -13.77
N ILE A 271 -23.41 -20.40 -14.43
CA ILE A 271 -22.41 -19.44 -13.98
C ILE A 271 -22.82 -18.74 -12.67
N MET A 272 -24.08 -18.33 -12.57
CA MET A 272 -24.53 -17.64 -11.36
C MET A 272 -24.52 -18.62 -10.19
N GLN A 273 -24.77 -19.88 -10.49
CA GLN A 273 -24.83 -20.91 -9.45
C GLN A 273 -23.42 -21.15 -8.92
N TYR A 274 -22.46 -21.19 -9.83
CA TYR A 274 -21.06 -21.36 -9.49
C TYR A 274 -20.58 -20.20 -8.58
N HIS A 275 -20.92 -18.98 -8.99
CA HIS A 275 -20.54 -17.82 -8.21
C HIS A 275 -21.13 -17.87 -6.80
N SER A 276 -22.42 -18.19 -6.70
CA SER A 276 -23.10 -18.34 -5.41
C SER A 276 -22.52 -19.46 -4.55
N LYS A 277 -22.33 -20.61 -5.16
CA LYS A 277 -21.83 -21.78 -4.45
C LYS A 277 -20.48 -21.50 -3.79
N MET A 278 -19.57 -20.90 -4.55
CA MET A 278 -18.23 -20.61 -4.08
C MET A 278 -18.22 -19.57 -2.95
N MET A 279 -18.93 -18.46 -3.15
CA MET A 279 -19.00 -17.40 -2.14
C MET A 279 -19.58 -17.95 -0.85
N GLU A 280 -20.48 -18.90 -0.99
CA GLU A 280 -21.11 -19.51 0.18
C GLU A 280 -20.13 -20.34 1.01
N GLN A 281 -19.36 -21.18 0.33
CA GLN A 281 -18.34 -22.03 0.93
C GLN A 281 -17.22 -21.15 1.51
N ILE A 282 -16.82 -20.17 0.72
CA ILE A 282 -15.77 -19.23 1.10
C ILE A 282 -16.14 -18.55 2.39
N ASN A 283 -17.34 -18.00 2.47
CA ASN A 283 -17.80 -17.38 3.71
C ASN A 283 -18.00 -18.35 4.86
N ARG A 284 -18.31 -19.60 4.56
CA ARG A 284 -18.44 -20.58 5.63
C ARG A 284 -17.06 -20.75 6.28
N THR A 285 -16.06 -21.06 5.47
CA THR A 285 -14.70 -21.26 5.94
C THR A 285 -14.12 -20.05 6.72
N ILE A 286 -14.30 -18.86 6.15
CA ILE A 286 -13.87 -17.62 6.74
C ILE A 286 -14.53 -17.40 8.09
N ALA A 287 -15.81 -17.74 8.18
CA ALA A 287 -16.53 -17.56 9.42
C ALA A 287 -15.99 -18.51 10.52
N GLU A 288 -15.68 -19.74 10.16
CA GLU A 288 -15.20 -20.69 11.16
C GLU A 288 -13.81 -20.28 11.64
N LEU A 289 -12.96 -19.88 10.68
CA LEU A 289 -11.58 -19.46 10.99
C LEU A 289 -11.56 -18.23 11.89
N TRP A 290 -12.45 -17.27 11.64
CA TRP A 290 -12.43 -16.06 12.42
C TRP A 290 -12.77 -16.36 13.86
N GLN A 291 -13.83 -17.14 14.05
CA GLN A 291 -14.33 -17.45 15.37
C GLN A 291 -13.36 -18.30 16.13
N SER A 292 -12.69 -19.15 15.38
CA SER A 292 -11.64 -20.05 15.86
C SER A 292 -10.29 -19.34 16.18
N THR A 293 -9.96 -18.31 15.42
CA THR A 293 -8.62 -17.73 15.51
C THR A 293 -8.49 -16.38 16.21
N TYR A 294 -9.44 -15.47 15.93
CA TYR A 294 -9.32 -14.09 16.38
C TYR A 294 -9.60 -13.92 17.84
N GLN A 295 -8.59 -13.42 18.57
CA GLN A 295 -8.76 -13.13 19.96
C GLN A 295 -9.20 -11.68 20.00
N GLY A 296 -10.36 -11.43 20.56
CA GLY A 296 -10.87 -10.08 20.64
C GLY A 296 -12.37 -10.19 20.66
N THR A 297 -13.00 -9.26 21.36
CA THR A 297 -14.44 -9.21 21.51
C THR A 297 -15.14 -8.32 20.48
N ASP A 298 -14.40 -7.52 19.74
CA ASP A 298 -15.06 -6.50 18.94
C ASP A 298 -15.60 -6.98 17.60
N ILE A 299 -15.07 -8.09 17.08
CA ILE A 299 -15.52 -8.60 15.78
C ILE A 299 -15.94 -10.06 15.87
N ASP A 300 -17.23 -10.33 15.70
CA ASP A 300 -17.77 -11.68 15.82
C ASP A 300 -17.44 -12.53 14.63
N THR A 301 -17.57 -11.95 13.45
CA THR A 301 -17.18 -12.65 12.24
C THR A 301 -16.88 -11.62 11.15
N ILE A 302 -16.23 -12.08 10.09
CA ILE A 302 -16.13 -11.27 8.88
C ILE A 302 -16.73 -12.06 7.71
N GLN A 303 -17.26 -11.33 6.73
CA GLN A 303 -17.88 -11.94 5.56
C GLN A 303 -17.53 -11.15 4.31
N ILE A 304 -17.51 -11.84 3.18
CA ILE A 304 -17.40 -11.17 1.88
C ILE A 304 -18.76 -11.02 1.19
N ARG A 305 -19.19 -9.77 0.96
CA ARG A 305 -20.48 -9.52 0.35
C ARG A 305 -20.31 -9.29 -1.13
N SER A 306 -21.20 -9.86 -1.93
CA SER A 306 -21.09 -9.65 -3.36
C SER A 306 -22.33 -8.94 -3.85
N ASP A 307 -22.14 -7.73 -4.36
CA ASP A 307 -23.26 -6.96 -4.87
C ASP A 307 -23.22 -7.02 -6.38
N VAL A 308 -24.35 -7.37 -6.98
CA VAL A 308 -24.44 -7.39 -8.43
C VAL A 308 -24.91 -6.03 -8.93
N GLU A 309 -24.24 -5.52 -9.96
CA GLU A 309 -24.73 -4.30 -10.60
C GLU A 309 -26.02 -4.70 -11.28
N SER A 310 -27.10 -3.99 -10.94
CA SER A 310 -28.44 -4.31 -11.43
C SER A 310 -28.45 -4.70 -12.89
N THR A 311 -27.67 -3.96 -13.67
CA THR A 311 -27.66 -4.19 -15.09
C THR A 311 -26.28 -4.40 -15.69
N THR A 312 -26.12 -5.61 -16.20
CA THR A 312 -24.97 -6.08 -16.93
C THR A 312 -24.47 -5.14 -18.04
N SER A 313 -23.19 -4.73 -18.01
CA SER A 313 -22.66 -3.88 -19.09
C SER A 313 -22.30 -4.71 -20.34
N SER A 314 -22.45 -4.11 -21.51
CA SER A 314 -22.20 -4.81 -22.78
C SER A 314 -20.81 -4.62 -23.41
N ASP A 315 -19.88 -5.53 -23.14
CA ASP A 315 -18.59 -5.53 -23.83
C ASP A 315 -18.42 -6.72 -24.78
N SER A 316 -19.03 -6.64 -25.95
CA SER A 316 -19.02 -7.73 -26.92
C SER A 316 -19.86 -8.88 -26.37
N GLY A 317 -20.52 -8.61 -25.26
CA GLY A 317 -21.45 -9.54 -24.64
C GLY A 317 -22.09 -8.82 -23.48
N THR A 318 -22.93 -9.51 -22.72
CA THR A 318 -23.54 -8.89 -21.56
C THR A 318 -22.83 -9.48 -20.37
N ARG A 319 -21.98 -8.68 -19.73
CA ARG A 319 -21.17 -9.16 -18.62
C ARG A 319 -21.63 -8.55 -17.30
N ARG A 320 -21.91 -9.39 -16.30
CA ARG A 320 -22.36 -8.89 -15.01
C ARG A 320 -21.19 -8.30 -14.26
N ASN A 321 -21.46 -7.21 -13.56
CA ASN A 321 -20.43 -6.61 -12.78
C ASN A 321 -20.76 -6.78 -11.30
N TYR A 322 -19.92 -7.54 -10.63
CA TYR A 322 -20.05 -7.80 -9.20
C TYR A 322 -19.24 -6.79 -8.45
N ASN A 323 -19.79 -6.25 -7.36
CA ASN A 323 -18.96 -5.54 -6.41
C ASN A 323 -18.76 -6.36 -5.16
N TYR A 324 -17.56 -6.30 -4.60
CA TYR A 324 -17.23 -7.10 -3.44
C TYR A 324 -16.78 -6.21 -2.29
N ARG A 325 -17.14 -6.59 -1.09
CA ARG A 325 -16.77 -5.82 0.06
C ARG A 325 -16.57 -6.79 1.20
N VAL A 326 -15.62 -6.48 2.07
CA VAL A 326 -15.40 -7.27 3.26
C VAL A 326 -16.05 -6.62 4.46
N SER A 327 -17.01 -7.31 5.07
CA SER A 327 -17.73 -6.74 6.20
C SER A 327 -17.33 -7.37 7.51
N MET A 328 -17.39 -6.57 8.56
CA MET A 328 -17.18 -7.10 9.89
C MET A 328 -18.49 -7.03 10.62
N VAL A 329 -18.80 -8.10 11.37
CA VAL A 329 -20.09 -8.25 12.03
C VAL A 329 -19.92 -8.22 13.53
N LYS A 330 -20.61 -7.29 14.19
CA LYS A 330 -20.69 -7.29 15.66
C LYS A 330 -22.12 -7.12 16.14
N GLY A 331 -22.68 -8.16 16.76
CA GLY A 331 -24.07 -8.14 17.17
C GLY A 331 -25.01 -8.00 15.97
N ASP A 332 -25.90 -7.02 16.01
CA ASP A 332 -26.79 -6.77 14.87
C ASP A 332 -26.09 -6.06 13.73
N THR A 333 -25.13 -5.21 14.10
CA THR A 333 -24.52 -4.24 13.18
C THR A 333 -23.43 -4.83 12.26
N GLU A 334 -23.42 -4.36 11.01
CA GLU A 334 -22.41 -4.75 10.02
C GLU A 334 -21.74 -3.53 9.41
N MET A 335 -20.41 -3.43 9.41
CA MET A 335 -19.82 -2.33 8.65
C MET A 335 -18.68 -2.81 7.80
N ASP A 336 -18.41 -2.06 6.75
CA ASP A 336 -17.31 -2.34 5.83
C ASP A 336 -15.97 -2.12 6.53
N MET A 337 -15.08 -3.10 6.39
CA MET A 337 -13.78 -3.06 7.03
C MET A 337 -12.86 -2.00 6.39
N ARG A 338 -13.07 -1.73 5.11
CA ARG A 338 -12.26 -0.75 4.39
C ARG A 338 -12.31 0.60 5.08
N GLY A 339 -11.15 1.09 5.51
CA GLY A 339 -11.06 2.36 6.18
C GLY A 339 -11.41 2.32 7.65
N ARG A 340 -11.67 1.12 8.17
CA ARG A 340 -12.14 0.95 9.54
C ARG A 340 -11.44 -0.15 10.37
N CYS A 341 -10.47 -0.90 9.85
CA CYS A 341 -9.92 -1.93 10.73
C CYS A 341 -8.46 -1.69 11.07
N SER A 342 -8.03 -2.27 12.18
CA SER A 342 -6.67 -2.05 12.62
C SER A 342 -5.70 -2.81 11.74
N ALA A 343 -4.41 -2.50 11.87
CA ALA A 343 -3.37 -3.17 11.11
C ALA A 343 -3.40 -4.66 11.33
N GLY A 344 -3.53 -5.07 12.57
CA GLY A 344 -3.53 -6.49 12.87
C GLY A 344 -4.75 -7.18 12.32
N GLN A 345 -5.90 -6.53 12.43
CA GLN A 345 -7.11 -7.04 11.85
C GLN A 345 -6.95 -7.20 10.33
N LYS A 346 -6.33 -6.26 9.64
CA LYS A 346 -6.11 -6.41 8.19
C LYS A 346 -5.28 -7.64 7.86
N VAL A 347 -4.26 -7.87 8.68
CA VAL A 347 -3.34 -8.97 8.44
C VAL A 347 -4.04 -10.30 8.69
N LEU A 348 -4.77 -10.41 9.78
CA LEU A 348 -5.49 -11.66 10.09
C LEU A 348 -6.61 -11.95 9.08
N ALA A 349 -7.40 -10.94 8.74
CA ALA A 349 -8.48 -11.09 7.77
C ALA A 349 -7.96 -11.52 6.39
N SER A 350 -6.84 -10.94 5.94
CA SER A 350 -6.26 -11.27 4.64
C SER A 350 -5.75 -12.70 4.57
N ILE A 351 -5.16 -13.20 5.66
CA ILE A 351 -4.67 -14.56 5.66
C ILE A 351 -5.82 -15.59 5.60
N ILE A 352 -6.85 -15.34 6.40
CA ILE A 352 -8.00 -16.22 6.51
C ILE A 352 -8.79 -16.32 5.19
N ILE A 353 -8.95 -15.18 4.55
CA ILE A 353 -9.55 -15.09 3.23
C ILE A 353 -8.75 -15.87 2.22
N ARG A 354 -7.43 -15.81 2.31
CA ARG A 354 -6.61 -16.60 1.39
C ARG A 354 -6.71 -18.11 1.67
N LEU A 355 -6.77 -18.49 2.94
CA LEU A 355 -6.88 -19.90 3.28
C LEU A 355 -8.17 -20.43 2.71
N ALA A 356 -9.22 -19.61 2.84
CA ALA A 356 -10.55 -19.95 2.36
C ALA A 356 -10.59 -20.03 0.84
N LEU A 357 -9.88 -19.12 0.18
CA LEU A 357 -9.83 -19.11 -1.28
C LEU A 357 -9.10 -20.34 -1.80
N ALA A 358 -8.07 -20.78 -1.09
CA ALA A 358 -7.36 -21.97 -1.49
C ALA A 358 -8.26 -23.21 -1.35
N GLU A 359 -8.94 -23.30 -0.22
CA GLU A 359 -9.75 -24.45 0.13
C GLU A 359 -10.96 -24.64 -0.81
N SER A 360 -11.55 -23.54 -1.28
CA SER A 360 -12.71 -23.61 -2.18
C SER A 360 -12.32 -23.77 -3.66
N PHE A 361 -11.33 -23.01 -4.10
CA PHE A 361 -10.96 -22.96 -5.52
C PHE A 361 -10.01 -24.03 -6.02
N CYS A 362 -9.10 -24.50 -5.17
CA CYS A 362 -8.38 -25.73 -5.54
C CYS A 362 -8.39 -26.64 -4.33
N ALA A 363 -9.58 -27.14 -4.03
CA ALA A 363 -9.84 -27.94 -2.84
C ALA A 363 -8.97 -29.17 -2.76
N ASN A 364 -8.39 -29.58 -3.88
CA ASN A 364 -7.74 -30.87 -3.95
C ASN A 364 -6.28 -30.82 -3.50
N CYS A 365 -5.59 -29.77 -3.90
CA CYS A 365 -4.20 -29.59 -3.52
C CYS A 365 -4.08 -28.56 -2.42
N GLY A 366 -3.58 -28.98 -1.28
CA GLY A 366 -3.45 -28.12 -0.12
C GLY A 366 -2.12 -27.40 -0.18
N LEU A 367 -2.05 -26.35 -0.98
CA LEU A 367 -0.80 -25.64 -1.18
C LEU A 367 -0.97 -24.16 -0.89
N ILE A 368 -0.21 -23.65 0.07
CA ILE A 368 -0.22 -22.22 0.30
C ILE A 368 1.04 -21.74 1.03
N ALA A 369 1.49 -20.54 0.71
CA ALA A 369 2.66 -19.98 1.38
C ALA A 369 2.28 -18.79 2.25
N LEU A 370 2.62 -18.87 3.53
CA LEU A 370 2.33 -17.79 4.45
C LEU A 370 3.64 -17.11 4.85
N ASP A 371 3.85 -15.90 4.31
CA ASP A 371 5.09 -15.14 4.50
C ASP A 371 4.94 -14.18 5.69
N GLN A 372 5.52 -14.53 6.85
CA GLN A 372 5.49 -13.67 8.02
C GLN A 372 4.04 -13.38 8.47
N PRO A 373 3.28 -14.43 8.76
CA PRO A 373 1.84 -14.33 9.05
C PRO A 373 1.49 -13.56 10.31
N THR A 374 2.44 -13.30 11.21
CA THR A 374 2.09 -12.62 12.46
C THR A 374 2.37 -11.11 12.47
N THR A 375 2.59 -10.51 11.29
CA THR A 375 2.78 -9.06 11.15
C THR A 375 1.76 -8.27 11.97
N ASN A 376 2.23 -7.44 12.90
CA ASN A 376 1.35 -6.56 13.67
C ASN A 376 0.32 -7.27 14.57
N LEU A 377 0.49 -8.58 14.76
CA LEU A 377 -0.37 -9.35 15.65
C LEU A 377 0.10 -9.28 17.10
N ASP A 378 -0.84 -9.18 18.03
CA ASP A 378 -0.51 -9.20 19.44
C ASP A 378 -0.24 -10.64 19.90
N SER A 379 0.19 -10.80 21.16
CA SER A 379 0.65 -12.10 21.65
C SER A 379 -0.41 -13.15 21.58
N ASP A 380 -1.62 -12.78 21.95
CA ASP A 380 -2.76 -13.70 21.94
C ASP A 380 -3.12 -14.07 20.51
N ASN A 381 -3.18 -13.10 19.60
CA ASN A 381 -3.50 -13.45 18.22
C ASN A 381 -2.38 -14.24 17.56
N ILE A 382 -1.14 -14.04 18.01
CA ILE A 382 -0.03 -14.86 17.52
C ILE A 382 -0.18 -16.31 17.98
N ARG A 383 -0.51 -16.49 19.26
CA ARG A 383 -0.68 -17.83 19.80
C ARG A 383 -1.83 -18.58 19.11
N SER A 384 -2.98 -17.92 18.94
CA SER A 384 -4.17 -18.56 18.42
C SER A 384 -4.04 -18.90 16.95
N LEU A 385 -3.38 -18.04 16.19
CA LEU A 385 -3.12 -18.28 14.78
C LEU A 385 -2.25 -19.50 14.64
N ALA A 386 -1.22 -19.57 15.45
CA ALA A 386 -0.36 -20.75 15.49
C ALA A 386 -1.17 -22.02 15.83
N GLU A 387 -2.11 -21.91 16.76
CA GLU A 387 -2.86 -23.07 17.17
C GLU A 387 -3.89 -23.50 16.12
N SER A 388 -4.42 -22.52 15.39
CA SER A 388 -5.33 -22.80 14.28
C SER A 388 -4.65 -23.52 13.13
N LEU A 389 -3.39 -23.16 12.86
CA LEU A 389 -2.64 -23.81 11.80
C LEU A 389 -2.33 -25.25 12.19
N HIS A 390 -2.09 -25.43 13.48
CA HIS A 390 -1.79 -26.73 14.04
C HIS A 390 -2.99 -27.64 13.88
N GLY A 391 -4.18 -27.08 14.03
CA GLY A 391 -5.41 -27.83 13.94
C GLY A 391 -5.69 -28.18 12.50
N ILE A 392 -5.44 -27.23 11.61
CA ILE A 392 -5.57 -27.48 10.17
C ILE A 392 -4.64 -28.59 9.74
N ILE A 393 -3.38 -28.52 10.18
CA ILE A 393 -2.41 -29.54 9.82
C ILE A 393 -2.80 -30.91 10.39
N LYS A 394 -3.08 -30.98 11.69
CA LYS A 394 -3.48 -32.25 12.29
C LYS A 394 -4.63 -32.92 11.53
N ALA A 395 -5.63 -32.14 11.14
CA ALA A 395 -6.83 -32.68 10.52
C ALA A 395 -6.60 -33.30 9.14
N ARG A 396 -5.63 -32.79 8.40
CA ARG A 396 -5.48 -33.11 6.99
C ARG A 396 -4.19 -33.83 6.69
N GLN A 397 -3.39 -34.04 7.73
CA GLN A 397 -2.08 -34.65 7.57
C GLN A 397 -2.25 -36.04 6.98
N ALA A 398 -3.22 -36.78 7.52
CA ALA A 398 -3.50 -38.14 7.05
C ALA A 398 -3.84 -38.19 5.56
N GLN A 399 -4.68 -37.27 5.09
CA GLN A 399 -5.05 -37.22 3.67
C GLN A 399 -3.89 -36.89 2.73
N GLY A 400 -2.76 -36.45 3.30
CA GLY A 400 -1.54 -36.20 2.55
C GLY A 400 -1.57 -35.04 1.57
N ASN A 401 -2.74 -34.42 1.42
CA ASN A 401 -2.94 -33.31 0.51
C ASN A 401 -2.06 -32.10 0.77
N LEU A 402 -1.88 -31.80 2.06
CA LEU A 402 -1.45 -30.49 2.53
C LEU A 402 0.04 -30.21 2.33
N GLN A 403 0.32 -29.08 1.69
CA GLN A 403 1.69 -28.53 1.64
C GLN A 403 1.77 -27.08 2.06
N LEU A 404 2.04 -26.86 3.34
CA LEU A 404 2.00 -25.52 3.87
C LEU A 404 3.40 -24.98 4.06
N ILE A 405 3.63 -23.79 3.53
CA ILE A 405 4.92 -23.15 3.59
C ILE A 405 4.82 -21.93 4.48
N VAL A 406 5.56 -21.95 5.58
CA VAL A 406 5.59 -20.83 6.51
C VAL A 406 6.99 -20.22 6.64
N ILE A 407 7.04 -18.91 6.44
CA ILE A 407 8.23 -18.11 6.67
C ILE A 407 7.99 -17.26 7.89
N THR A 408 8.91 -17.31 8.84
CA THR A 408 8.75 -16.55 10.05
C THR A 408 10.07 -16.36 10.80
N HIS A 409 10.14 -15.31 11.60
CA HIS A 409 11.20 -15.16 12.58
C HIS A 409 10.56 -14.83 13.90
N ASP A 410 9.26 -15.09 14.00
CA ASP A 410 8.57 -14.81 15.24
C ASP A 410 8.75 -15.98 16.18
N GLU A 411 9.50 -15.78 17.25
CA GLU A 411 9.85 -16.92 18.06
C GLU A 411 8.69 -17.43 18.92
N GLU A 412 7.89 -16.53 19.49
CA GLU A 412 6.71 -16.94 20.26
C GLU A 412 5.78 -17.76 19.35
N PHE A 413 5.68 -17.35 18.09
CA PHE A 413 4.85 -18.05 17.11
C PHE A 413 5.37 -19.47 16.85
N LEU A 414 6.68 -19.62 16.67
CA LEU A 414 7.25 -20.92 16.41
C LEU A 414 6.93 -21.88 17.57
N LYS A 415 6.96 -21.35 18.77
CA LYS A 415 6.82 -22.20 19.95
C LYS A 415 5.42 -22.77 20.03
N TYR A 416 4.43 -21.97 19.64
CA TYR A 416 3.04 -22.38 19.75
C TYR A 416 2.64 -23.23 18.54
N MET A 417 3.47 -23.18 17.51
CA MET A 417 3.21 -23.91 16.29
C MET A 417 3.37 -25.41 16.52
N GLN A 418 4.36 -25.75 17.34
CA GLN A 418 4.67 -27.14 17.68
C GLN A 418 5.01 -27.96 16.43
N CYS A 419 5.96 -27.46 15.64
CA CYS A 419 6.33 -28.04 14.35
C CYS A 419 6.91 -29.45 14.46
N SER A 420 7.50 -29.75 15.61
CA SER A 420 8.11 -31.04 15.87
C SER A 420 7.12 -32.20 15.66
N ASP A 421 5.83 -31.90 15.80
CA ASP A 421 4.78 -32.90 15.56
C ASP A 421 4.68 -33.32 14.09
N PHE A 422 5.06 -32.42 13.19
CA PHE A 422 4.91 -32.60 11.76
C PHE A 422 6.26 -32.60 11.01
N CYS A 423 7.31 -32.08 11.63
CA CYS A 423 8.56 -31.86 10.94
C CYS A 423 9.67 -32.79 11.40
N ASP A 424 10.55 -33.17 10.47
CA ASP A 424 11.80 -33.84 10.83
C ASP A 424 12.97 -32.90 10.56
N ASP A 425 12.68 -31.82 9.82
CA ASP A 425 13.69 -30.84 9.48
C ASP A 425 13.03 -29.50 9.15
N PHE A 426 13.83 -28.43 9.17
CA PHE A 426 13.35 -27.13 8.72
C PHE A 426 14.50 -26.42 7.99
N TYR A 427 14.16 -25.35 7.28
CA TYR A 427 15.14 -24.60 6.50
C TYR A 427 15.50 -23.23 7.06
N ARG A 428 16.78 -22.89 7.02
CA ARG A 428 17.24 -21.57 7.42
C ARG A 428 17.91 -20.83 6.26
N VAL A 429 17.49 -19.59 6.01
CA VAL A 429 18.15 -18.75 5.00
C VAL A 429 19.13 -17.78 5.65
N LYS A 430 20.39 -17.82 5.19
CA LYS A 430 21.47 -16.99 5.74
C LYS A 430 22.18 -16.17 4.67
N ARG A 431 22.94 -15.16 5.10
CA ARG A 431 23.90 -14.48 4.24
C ARG A 431 25.29 -15.05 4.53
N ASP A 432 26.02 -15.48 3.50
CA ASP A 432 27.38 -16.00 3.73
C ASP A 432 28.36 -14.83 3.89
N GLU A 433 29.65 -15.12 4.01
CA GLU A 433 30.65 -14.07 4.21
C GLU A 433 30.65 -13.05 3.07
N LYS A 434 30.38 -13.52 1.86
CA LYS A 434 30.27 -12.63 0.69
C LYS A 434 28.89 -11.97 0.58
N GLN A 435 28.08 -12.12 1.62
CA GLN A 435 26.70 -11.61 1.63
C GLN A 435 25.79 -12.22 0.57
N ASN A 436 26.06 -13.47 0.23
CA ASN A 436 25.16 -14.24 -0.62
C ASN A 436 24.18 -15.05 0.23
N SER A 437 22.93 -15.11 -0.22
CA SER A 437 21.92 -15.91 0.46
C SER A 437 22.23 -17.40 0.33
N VAL A 438 22.13 -18.12 1.43
CA VAL A 438 22.30 -19.56 1.41
C VAL A 438 21.17 -20.26 2.17
N ILE A 439 20.79 -21.44 1.71
CA ILE A 439 19.70 -22.17 2.32
C ILE A 439 20.26 -23.40 3.01
N VAL A 440 20.19 -23.42 4.34
CA VAL A 440 20.74 -24.53 5.11
C VAL A 440 19.64 -25.38 5.73
N ARG A 441 19.75 -26.68 5.58
CA ARG A 441 18.76 -27.57 6.14
C ARG A 441 19.14 -27.96 7.58
N GLU A 442 18.20 -27.90 8.51
CA GLU A 442 18.48 -28.26 9.89
C GLU A 442 17.49 -29.28 10.41
N SER A 443 17.93 -30.11 11.35
CA SER A 443 17.09 -31.14 11.96
C SER A 443 16.31 -30.71 13.18
N ILE A 444 15.18 -31.38 13.37
CA ILE A 444 14.31 -31.20 14.53
C ILE A 444 14.26 -32.56 15.24
N THR A 445 14.00 -32.57 16.55
CA THR A 445 13.98 -33.83 17.31
C THR A 445 12.90 -34.83 16.88
N ARG A 446 11.66 -34.37 16.75
CA ARG A 446 10.54 -35.25 16.38
C ARG A 446 10.10 -35.02 14.93
N SER B 2 8.14 23.77 22.63
CA SER B 2 6.82 23.25 22.28
C SER B 2 6.50 22.00 23.07
N LYS B 3 5.24 21.86 23.47
CA LYS B 3 4.84 20.68 24.22
C LYS B 3 3.34 20.40 24.10
N ILE B 4 2.98 19.12 24.01
CA ILE B 4 1.58 18.70 24.02
C ILE B 4 1.28 18.07 25.37
N GLU B 5 0.17 18.50 25.98
CA GLU B 5 -0.09 18.13 27.35
C GLU B 5 -1.13 17.03 27.52
N LYS B 6 -2.34 17.26 27.01
CA LYS B 6 -3.44 16.34 27.23
C LYS B 6 -4.34 16.24 25.98
N LEU B 7 -4.75 15.01 25.66
CA LEU B 7 -5.66 14.77 24.55
C LEU B 7 -6.99 14.20 25.06
N SER B 8 -8.07 14.67 24.45
CA SER B 8 -9.40 14.23 24.79
C SER B 8 -10.09 13.69 23.55
N ILE B 9 -10.65 12.49 23.66
CA ILE B 9 -11.30 11.84 22.52
C ILE B 9 -12.71 11.40 22.84
N LEU B 10 -13.64 11.79 21.98
CA LEU B 10 -15.06 11.47 22.12
C LEU B 10 -15.69 11.05 20.78
N GLY B 11 -16.23 9.85 20.75
CA GLY B 11 -17.00 9.43 19.59
C GLY B 11 -16.22 9.26 18.30
N VAL B 12 -14.94 8.91 18.43
CA VAL B 12 -14.11 8.67 17.25
C VAL B 12 -13.82 7.18 17.13
N ARG B 13 -14.18 6.62 15.98
CA ARG B 13 -14.04 5.19 15.73
C ARG B 13 -14.64 4.38 16.87
N SER B 14 -13.86 3.50 17.47
CA SER B 14 -14.32 2.66 18.57
C SER B 14 -14.51 3.40 19.92
N PHE B 15 -14.14 4.68 19.99
CA PHE B 15 -14.44 5.42 21.20
C PHE B 15 -15.88 5.87 21.14
N GLY B 16 -16.62 5.53 22.19
CA GLY B 16 -18.03 5.89 22.28
C GLY B 16 -18.32 7.39 22.30
N PRO B 17 -19.56 7.76 21.97
CA PRO B 17 -20.05 9.12 21.82
C PRO B 17 -20.47 9.78 23.13
N HIS B 18 -20.54 9.04 24.23
CA HIS B 18 -21.07 9.62 25.46
C HIS B 18 -20.00 10.21 26.39
N HIS B 19 -18.98 9.43 26.67
CA HIS B 19 -18.02 9.82 27.68
C HIS B 19 -16.62 9.92 27.12
N PRO B 20 -16.03 11.13 27.19
CA PRO B 20 -14.72 11.35 26.59
C PRO B 20 -13.64 10.55 27.26
N GLU B 21 -12.72 10.02 26.49
CA GLU B 21 -11.57 9.33 27.06
C GLU B 21 -10.34 10.25 26.95
N THR B 22 -9.45 10.22 27.93
CA THR B 22 -8.33 11.15 27.91
C THR B 22 -6.98 10.47 28.09
N ILE B 23 -5.95 11.11 27.52
CA ILE B 23 -4.57 10.71 27.75
C ILE B 23 -3.71 11.99 27.93
N ALA B 24 -2.80 11.94 28.91
CA ALA B 24 -1.89 13.03 29.19
C ALA B 24 -0.48 12.58 28.81
N PHE B 25 0.25 13.41 28.09
CA PHE B 25 1.53 12.97 27.55
C PHE B 25 2.73 13.22 28.48
N ASN B 26 3.58 12.21 28.60
CA ASN B 26 4.73 12.30 29.47
C ASN B 26 5.98 12.87 28.79
N THR B 27 7.00 13.15 29.60
CA THR B 27 8.30 13.57 29.11
C THR B 27 9.37 12.80 29.88
N PRO B 28 10.24 12.09 29.16
CA PRO B 28 10.34 12.16 27.71
C PRO B 28 9.53 11.13 26.93
N LEU B 29 8.79 10.23 27.56
CA LEU B 29 8.18 9.14 26.79
C LEU B 29 6.74 8.82 27.18
N THR B 30 5.89 8.79 26.16
CA THR B 30 4.54 8.27 26.32
C THR B 30 4.42 6.91 25.62
N LEU B 31 4.19 5.90 26.46
CA LEU B 31 4.04 4.51 26.05
C LEU B 31 2.56 4.09 26.02
N ILE B 32 2.14 3.57 24.88
CA ILE B 32 0.76 3.14 24.72
C ILE B 32 0.69 1.69 24.24
N VAL B 33 0.08 0.83 25.04
CA VAL B 33 -0.06 -0.59 24.70
C VAL B 33 -1.54 -1.00 24.61
N GLY B 34 -1.77 -2.17 24.04
CA GLY B 34 -3.12 -2.69 23.94
C GLY B 34 -3.25 -3.75 22.88
N TYR B 35 -4.36 -4.49 22.92
CA TYR B 35 -4.61 -5.53 21.94
C TYR B 35 -4.85 -4.99 20.53
N ASN B 36 -4.78 -5.90 19.56
CA ASN B 36 -5.27 -5.62 18.21
C ASN B 36 -6.70 -5.05 18.26
N GLY B 37 -6.91 -3.90 17.62
CA GLY B 37 -8.21 -3.28 17.53
C GLY B 37 -8.67 -2.53 18.78
N SER B 38 -7.82 -2.45 19.80
CA SER B 38 -8.16 -1.72 21.03
C SER B 38 -8.40 -0.23 20.76
N GLY B 39 -7.65 0.36 19.84
CA GLY B 39 -7.78 1.78 19.56
C GLY B 39 -6.55 2.66 19.69
N LYS B 40 -5.38 2.04 19.67
CA LYS B 40 -4.15 2.79 19.84
C LYS B 40 -3.83 3.73 18.68
N THR B 41 -4.00 3.25 17.46
CA THR B 41 -3.70 4.05 16.26
C THR B 41 -4.66 5.22 16.19
N THR B 42 -5.88 5.01 16.69
CA THR B 42 -6.87 6.05 16.73
C THR B 42 -6.34 7.24 17.54
N VAL B 43 -5.63 6.96 18.62
CA VAL B 43 -5.09 8.05 19.42
C VAL B 43 -4.22 8.97 18.57
N ILE B 44 -3.34 8.39 17.75
CA ILE B 44 -2.49 9.19 16.87
C ILE B 44 -3.29 9.85 15.77
N GLU B 45 -4.31 9.18 15.27
CA GLU B 45 -5.21 9.83 14.34
C GLU B 45 -5.80 11.09 14.93
N CYS B 46 -6.18 11.05 16.20
CA CYS B 46 -6.75 12.23 16.83
C CYS B 46 -5.75 13.37 17.05
N LEU B 47 -4.48 13.03 17.26
CA LEU B 47 -3.43 14.06 17.37
C LEU B 47 -3.21 14.76 16.02
N LYS B 48 -3.19 13.99 14.94
CA LYS B 48 -3.01 14.55 13.62
C LYS B 48 -4.22 15.42 13.27
N TYR B 49 -5.42 14.90 13.51
CA TYR B 49 -6.63 15.66 13.23
C TYR B 49 -6.64 16.95 14.06
N ALA B 50 -6.29 16.86 15.35
CA ALA B 50 -6.31 18.05 16.20
C ALA B 50 -5.32 19.10 15.71
N THR B 51 -4.14 18.66 15.25
CA THR B 51 -3.13 19.63 14.86
C THR B 51 -3.28 20.17 13.44
N THR B 52 -3.84 19.36 12.54
CA THR B 52 -3.89 19.76 11.13
C THR B 52 -5.28 19.74 10.49
N GLY B 53 -6.26 19.11 11.14
CA GLY B 53 -7.58 18.97 10.54
C GLY B 53 -7.60 17.86 9.50
N GLU B 54 -6.44 17.27 9.21
CA GLU B 54 -6.39 16.17 8.26
C GLU B 54 -7.02 14.93 8.90
N LEU B 55 -7.90 14.23 8.18
CA LEU B 55 -8.48 12.98 8.65
C LEU B 55 -7.71 11.81 8.07
N PRO B 56 -7.91 10.62 8.62
CA PRO B 56 -7.15 9.48 8.12
C PRO B 56 -7.49 9.18 6.65
N PRO B 57 -6.49 8.72 5.87
CA PRO B 57 -6.75 8.41 4.46
C PRO B 57 -7.77 7.29 4.34
N ASN B 58 -8.67 7.39 3.37
CA ASN B 58 -9.74 6.42 3.15
C ASN B 58 -10.81 6.48 4.22
N SER B 59 -10.73 7.50 5.06
CA SER B 59 -11.71 7.72 6.12
C SER B 59 -12.21 9.16 6.08
N THR B 60 -11.89 9.88 5.00
CA THR B 60 -12.22 11.30 4.94
C THR B 60 -13.68 11.53 4.68
N ARG B 61 -14.31 10.54 4.08
CA ARG B 61 -15.73 10.59 3.83
C ARG B 61 -16.33 9.24 4.19
N ASN B 62 -17.64 9.24 4.32
CA ASN B 62 -18.44 8.09 4.72
C ASN B 62 -18.38 7.85 6.21
N GLY B 63 -17.80 8.81 6.91
CA GLY B 63 -17.84 8.82 8.36
C GLY B 63 -17.23 7.60 9.01
N ALA B 64 -16.21 7.04 8.35
CA ALA B 64 -15.46 5.95 8.94
C ALA B 64 -14.76 6.44 10.22
N PHE B 65 -14.41 7.72 10.25
CA PHE B 65 -13.76 8.30 11.44
C PHE B 65 -14.70 8.40 12.63
N ILE B 66 -15.98 8.68 12.38
CA ILE B 66 -16.94 8.82 13.46
C ILE B 66 -17.52 7.49 13.95
N HIS B 67 -17.58 7.31 15.26
CA HIS B 67 -18.19 6.13 15.89
C HIS B 67 -19.55 5.87 15.23
N ASP B 68 -19.74 4.66 14.70
CA ASP B 68 -20.90 4.38 13.85
C ASP B 68 -22.22 4.41 14.62
N PRO B 69 -23.12 5.29 14.19
CA PRO B 69 -24.46 5.52 14.75
C PRO B 69 -25.25 4.23 15.02
N ASP B 70 -25.12 3.22 14.17
CA ASP B 70 -25.85 1.99 14.38
C ASP B 70 -25.45 1.28 15.67
N LEU B 71 -24.19 1.41 16.08
CA LEU B 71 -23.70 0.75 17.28
C LEU B 71 -24.30 1.29 18.57
N VAL B 72 -24.61 2.59 18.59
CA VAL B 72 -25.08 3.25 19.80
C VAL B 72 -26.62 3.20 19.87
N GLY B 73 -27.27 3.14 18.72
CA GLY B 73 -28.72 3.15 18.67
C GLY B 73 -29.31 4.51 18.39
N GLU B 74 -28.48 5.44 17.94
CA GLU B 74 -28.98 6.75 17.59
C GLU B 74 -28.71 6.96 16.11
N LYS B 75 -29.36 7.97 15.54
CA LYS B 75 -29.21 8.26 14.12
C LYS B 75 -28.22 9.41 13.90
N GLU B 76 -27.69 9.93 15.00
CA GLU B 76 -26.73 11.01 14.95
C GLU B 76 -25.62 10.81 15.96
N VAL B 77 -24.40 10.94 15.51
CA VAL B 77 -23.29 10.86 16.45
C VAL B 77 -22.41 12.09 16.28
N ARG B 78 -22.07 12.71 17.40
CA ARG B 78 -21.16 13.84 17.41
C ARG B 78 -19.80 13.44 17.92
N ALA B 79 -18.78 13.74 17.13
CA ALA B 79 -17.43 13.42 17.51
C ALA B 79 -16.74 14.69 17.95
N GLN B 80 -15.86 14.56 18.94
CA GLN B 80 -15.10 15.70 19.39
C GLN B 80 -13.67 15.30 19.74
N VAL B 81 -12.71 16.11 19.31
CA VAL B 81 -11.32 15.92 19.71
C VAL B 81 -10.80 17.22 20.27
N LYS B 82 -10.19 17.13 21.46
CA LYS B 82 -9.62 18.30 22.14
C LYS B 82 -8.15 18.06 22.50
N LEU B 83 -7.30 19.02 22.14
CA LEU B 83 -5.88 18.89 22.44
C LEU B 83 -5.38 20.11 23.19
N SER B 84 -4.81 19.91 24.37
CA SER B 84 -4.22 21.03 25.09
C SER B 84 -2.70 21.01 24.96
N PHE B 85 -2.13 22.18 24.72
CA PHE B 85 -0.70 22.27 24.46
C PHE B 85 -0.11 23.63 24.88
N ARG B 86 1.22 23.69 24.98
CA ARG B 86 1.92 24.94 25.27
C ARG B 86 2.82 25.28 24.09
N SER B 87 2.80 26.55 23.68
CA SER B 87 3.57 26.99 22.53
C SER B 87 5.05 27.04 22.85
N THR B 88 5.86 27.39 21.87
CA THR B 88 7.30 27.51 22.09
C THR B 88 7.60 28.49 23.26
N ILE B 89 6.89 29.61 23.30
CA ILE B 89 6.82 30.46 24.49
C ILE B 89 5.90 29.83 25.54
N GLY B 90 5.88 30.36 26.75
CA GLY B 90 5.07 29.74 27.79
C GLY B 90 3.60 29.45 27.50
N GLU B 91 3.01 30.14 26.52
CA GLU B 91 1.54 30.15 26.36
C GLU B 91 0.81 28.80 26.17
N SER B 92 -0.42 28.81 26.71
CA SER B 92 -1.23 27.63 26.92
C SER B 92 -2.47 27.67 26.05
N TYR B 93 -2.63 26.65 25.22
CA TYR B 93 -3.75 26.63 24.28
C TYR B 93 -4.62 25.37 24.33
N VAL B 94 -5.84 25.50 23.83
CA VAL B 94 -6.65 24.34 23.54
C VAL B 94 -7.33 24.48 22.20
N VAL B 95 -7.15 23.47 21.37
CA VAL B 95 -7.85 23.37 20.11
C VAL B 95 -8.93 22.31 20.24
N THR B 96 -10.14 22.66 19.81
CA THR B 96 -11.26 21.73 19.79
C THR B 96 -11.73 21.56 18.38
N ARG B 97 -12.01 20.32 17.99
CA ARG B 97 -12.60 20.13 16.68
C ARG B 97 -13.83 19.24 16.80
N ASN B 98 -14.86 19.53 16.01
CA ASN B 98 -16.11 18.77 16.05
C ASN B 98 -16.52 18.33 14.67
N ILE B 99 -17.02 17.10 14.59
CA ILE B 99 -17.45 16.55 13.33
C ILE B 99 -18.71 15.75 13.61
N GLN B 100 -19.66 15.78 12.69
CA GLN B 100 -20.97 15.20 12.92
C GLN B 100 -21.33 14.11 11.92
N LEU B 101 -22.02 13.09 12.36
CA LEU B 101 -22.45 12.08 11.42
C LEU B 101 -23.94 11.72 11.50
N LEU B 102 -24.68 12.02 10.45
CA LEU B 102 -26.12 11.77 10.41
C LEU B 102 -26.50 10.58 9.57
N VAL B 103 -27.38 9.75 10.12
CA VAL B 103 -28.09 8.74 9.35
C VAL B 103 -29.50 9.22 9.01
N GLN B 104 -29.76 9.59 7.77
CA GLN B 104 -31.09 10.13 7.45
C GLN B 104 -32.13 9.00 7.38
N ARG B 105 -33.42 9.36 7.38
CA ARG B 105 -34.51 8.39 7.26
C ARG B 105 -34.35 7.47 6.07
N ASN B 106 -33.74 7.99 5.01
CA ASN B 106 -33.34 7.18 3.87
C ASN B 106 -32.08 6.34 4.01
N ASN B 107 -31.62 6.11 5.24
CA ASN B 107 -30.33 5.42 5.47
C ASN B 107 -29.10 6.14 4.96
N LYS B 108 -29.27 7.23 4.23
CA LYS B 108 -28.10 7.93 3.73
C LYS B 108 -27.32 8.54 4.90
N ARG B 109 -25.99 8.36 4.89
CA ARG B 109 -25.15 8.98 5.91
C ARG B 109 -24.53 10.25 5.35
N THR B 110 -24.54 11.30 6.16
CA THR B 110 -23.87 12.53 5.78
C THR B 110 -22.99 13.05 6.90
N GLN B 111 -21.76 13.42 6.54
CA GLN B 111 -20.79 13.86 7.52
C GLN B 111 -20.58 15.36 7.41
N LYS B 112 -20.64 16.06 8.55
CA LYS B 112 -20.47 17.51 8.53
C LYS B 112 -19.46 17.97 9.57
N THR B 113 -18.60 18.89 9.17
CA THR B 113 -17.58 19.41 10.07
C THR B 113 -18.15 20.62 10.78
N LEU B 114 -18.31 20.50 12.08
CA LEU B 114 -18.93 21.55 12.88
C LEU B 114 -17.91 22.61 13.27
N GLU B 115 -18.32 23.57 14.08
CA GLU B 115 -17.39 24.60 14.52
C GLU B 115 -16.37 24.07 15.54
N GLY B 116 -15.14 24.57 15.42
CA GLY B 116 -14.05 24.25 16.33
C GLY B 116 -13.48 25.55 16.88
N SER B 117 -12.52 25.45 17.79
CA SER B 117 -11.98 26.66 18.37
C SER B 117 -10.60 26.47 18.98
N LEU B 118 -9.73 27.43 18.68
CA LEU B 118 -8.47 27.57 19.38
C LEU B 118 -8.64 28.62 20.44
N LEU B 119 -8.42 28.26 21.69
CA LEU B 119 -8.62 29.24 22.73
C LEU B 119 -7.43 29.27 23.66
N LEU B 120 -7.08 30.49 24.06
CA LEU B 120 -5.91 30.73 24.88
C LEU B 120 -6.35 30.71 26.33
N ARG B 121 -5.56 30.06 27.18
CA ARG B 121 -5.84 30.07 28.60
C ARG B 121 -4.81 30.95 29.28
N ASN B 122 -5.28 32.00 29.93
CA ASN B 122 -4.37 32.82 30.70
C ASN B 122 -4.61 32.60 32.18
N ASN B 123 -3.58 32.13 32.87
CA ASN B 123 -3.69 31.82 34.28
C ASN B 123 -4.81 30.80 34.59
N GLY B 124 -5.34 30.17 33.55
CA GLY B 124 -6.48 29.27 33.72
C GLY B 124 -7.81 29.86 33.30
N GLU B 125 -7.78 30.95 32.54
CA GLU B 125 -9.00 31.65 32.16
C GLU B 125 -9.04 31.88 30.65
N ARG B 126 -10.24 31.78 30.07
CA ARG B 126 -10.46 31.62 28.63
C ARG B 126 -10.60 32.86 27.74
N THR B 127 -9.96 32.79 26.57
CA THR B 127 -10.08 33.77 25.49
C THR B 127 -10.09 33.09 24.11
N VAL B 128 -11.01 33.48 23.24
CA VAL B 128 -11.10 32.89 21.91
C VAL B 128 -10.13 33.48 20.88
N ILE B 129 -9.25 32.65 20.32
CA ILE B 129 -8.33 33.12 19.28
C ILE B 129 -8.92 33.04 17.87
N SER B 130 -9.70 31.99 17.60
CA SER B 130 -10.24 31.78 16.28
C SER B 130 -11.29 30.71 16.35
N THR B 131 -12.31 30.81 15.50
CA THR B 131 -13.32 29.76 15.41
C THR B 131 -13.55 29.40 13.96
N ARG B 132 -12.55 29.68 13.12
CA ARG B 132 -12.64 29.37 11.70
C ARG B 132 -11.66 28.25 11.34
N VAL B 133 -12.15 27.11 10.84
CA VAL B 133 -11.31 25.91 10.65
C VAL B 133 -10.12 26.14 9.74
N ALA B 134 -10.23 27.13 8.85
CA ALA B 134 -9.13 27.39 7.94
C ALA B 134 -7.91 27.92 8.68
N GLU B 135 -8.15 28.69 9.74
CA GLU B 135 -7.07 29.37 10.45
C GLU B 135 -6.45 28.48 11.52
N LEU B 136 -7.23 27.52 11.99
CA LEU B 136 -6.81 26.59 13.04
C LEU B 136 -5.56 25.80 12.66
N ASP B 137 -5.60 25.24 11.45
CA ASP B 137 -4.48 24.55 10.85
C ASP B 137 -3.24 25.42 10.96
N LYS B 138 -3.38 26.63 10.44
CA LYS B 138 -2.30 27.61 10.44
C LYS B 138 -1.81 27.94 11.83
N LEU B 139 -2.76 28.26 12.70
CA LEU B 139 -2.47 28.79 14.02
C LEU B 139 -1.81 27.76 14.93
N VAL B 140 -2.31 26.53 14.92
CA VAL B 140 -1.80 25.52 15.84
C VAL B 140 -0.36 25.13 15.52
N SER B 141 -0.08 24.86 14.25
CA SER B 141 1.27 24.49 13.87
C SER B 141 2.18 25.69 14.10
N GLU B 142 1.63 26.87 13.86
CA GLU B 142 2.36 28.11 14.05
C GLU B 142 2.75 28.25 15.51
N LYS B 143 1.81 27.94 16.41
CA LYS B 143 2.06 28.01 17.85
C LYS B 143 2.98 26.88 18.32
N LEU B 144 2.78 25.69 17.77
CA LEU B 144 3.59 24.51 18.11
C LEU B 144 5.02 24.58 17.62
N GLY B 145 5.26 25.30 16.54
CA GLY B 145 6.60 25.43 16.00
C GLY B 145 6.94 24.35 14.98
N VAL B 146 5.93 23.76 14.37
CA VAL B 146 6.15 22.69 13.42
C VAL B 146 5.37 22.99 12.17
N PRO B 147 6.04 22.94 11.01
CA PRO B 147 5.38 23.05 9.71
C PRO B 147 4.30 21.97 9.57
N PRO B 148 3.25 22.28 8.81
CA PRO B 148 2.18 21.29 8.64
C PRO B 148 2.72 20.07 7.88
N ALA B 149 3.58 20.28 6.90
CA ALA B 149 4.13 19.16 6.13
C ALA B 149 4.94 18.24 7.02
N ILE B 150 5.45 18.76 8.13
CA ILE B 150 6.19 17.92 9.04
C ILE B 150 5.25 17.15 9.96
N LEU B 151 4.21 17.83 10.43
CA LEU B 151 3.17 17.17 11.23
C LEU B 151 2.56 16.00 10.49
N ASP B 152 2.35 16.22 9.21
CA ASP B 152 1.64 15.29 8.36
C ASP B 152 2.48 14.06 8.04
N ALA B 153 3.69 14.30 7.59
CA ALA B 153 4.53 13.21 7.07
C ALA B 153 5.47 12.56 8.11
N VAL B 154 5.91 13.33 9.08
CA VAL B 154 7.00 12.87 9.93
C VAL B 154 6.58 12.59 11.36
N ILE B 155 5.94 13.57 12.00
CA ILE B 155 5.58 13.47 13.40
C ILE B 155 4.34 12.60 13.63
N PHE B 156 3.25 12.87 12.92
CA PHE B 156 2.01 12.15 13.20
C PHE B 156 1.63 11.26 12.03
N CYS B 157 2.67 10.71 11.41
CA CYS B 157 2.51 9.90 10.21
C CYS B 157 1.58 8.74 10.48
N HIS B 158 0.57 8.54 9.62
CA HIS B 158 -0.39 7.44 9.81
C HIS B 158 0.28 6.09 9.65
N GLN B 159 -0.12 5.11 10.47
CA GLN B 159 0.46 3.78 10.39
C GLN B 159 0.38 3.21 8.99
N ASP B 160 -0.72 3.49 8.29
CA ASP B 160 -0.92 2.99 6.93
C ASP B 160 -0.03 3.68 5.92
N ASP B 161 0.66 4.70 6.39
CA ASP B 161 1.44 5.54 5.49
C ASP B 161 2.90 5.62 5.93
N SER B 162 3.24 4.83 6.95
CA SER B 162 4.54 4.94 7.61
C SER B 162 5.71 4.50 6.73
N LEU B 163 5.42 3.88 5.59
CA LEU B 163 6.46 3.42 4.69
C LEU B 163 6.62 4.33 3.49
N TRP B 164 6.12 5.56 3.58
CA TRP B 164 6.16 6.49 2.46
C TRP B 164 7.61 6.75 1.98
N PRO B 165 8.59 6.75 2.89
CA PRO B 165 9.95 6.91 2.39
C PRO B 165 10.40 5.84 1.37
N MET B 166 9.76 4.67 1.38
CA MET B 166 10.16 3.59 0.50
C MET B 166 9.27 3.49 -0.72
N SER B 167 8.44 4.49 -0.92
CA SER B 167 7.47 4.45 -2.03
C SER B 167 8.07 4.90 -3.36
N GLU B 168 7.28 4.83 -4.41
CA GLU B 168 7.74 5.17 -5.76
C GLU B 168 8.20 6.62 -5.86
N PRO B 169 9.23 6.87 -6.69
CA PRO B 169 9.94 8.14 -6.88
C PRO B 169 9.04 9.38 -6.92
N ALA B 170 7.97 9.32 -7.72
CA ALA B 170 7.06 10.46 -7.86
C ALA B 170 6.42 10.81 -6.52
N ALA B 171 6.02 9.79 -5.79
CA ALA B 171 5.43 9.97 -4.47
C ALA B 171 6.45 10.51 -3.47
N LEU B 172 7.66 9.96 -3.54
CA LEU B 172 8.72 10.38 -2.61
C LEU B 172 9.00 11.85 -2.84
N LYS B 173 9.01 12.22 -4.12
CA LYS B 173 9.36 13.57 -4.51
C LYS B 173 8.31 14.52 -3.98
N LYS B 174 7.05 14.10 -4.05
CA LYS B 174 5.95 14.94 -3.62
C LYS B 174 6.11 15.32 -2.17
N ARG B 175 6.41 14.34 -1.35
CA ARG B 175 6.56 14.60 0.06
C ARG B 175 7.81 15.44 0.41
N PHE B 176 8.92 15.22 -0.28
CA PHE B 176 10.06 16.10 -0.07
C PHE B 176 9.82 17.51 -0.60
N ASP B 177 9.11 17.62 -1.71
CA ASP B 177 8.80 18.93 -2.26
C ASP B 177 7.99 19.73 -1.26
N GLU B 178 7.05 19.07 -0.57
CA GLU B 178 6.25 19.71 0.46
C GLU B 178 7.11 20.14 1.63
N ILE B 179 7.91 19.20 2.10
CA ILE B 179 8.73 19.40 3.27
C ILE B 179 9.73 20.52 3.04
N PHE B 180 10.22 20.64 1.80
CA PHE B 180 11.15 21.71 1.43
C PHE B 180 10.47 22.96 0.87
N GLU B 181 9.16 22.96 0.73
CA GLU B 181 8.42 24.07 0.13
C GLU B 181 9.05 24.54 -1.18
N ALA B 182 9.10 23.65 -2.16
CA ALA B 182 9.84 23.95 -3.37
C ALA B 182 8.98 24.73 -4.34
N GLN B 183 7.67 24.64 -4.16
CA GLN B 183 6.74 25.30 -5.05
C GLN B 183 6.76 26.76 -4.68
N LYS B 184 6.89 27.01 -3.39
CA LYS B 184 6.87 28.36 -2.87
C LYS B 184 8.06 29.19 -3.33
N TYR B 185 9.23 28.57 -3.35
CA TYR B 185 10.42 29.34 -3.71
C TYR B 185 10.57 29.48 -5.23
N THR B 186 10.08 28.53 -6.01
CA THR B 186 10.13 28.73 -7.45
C THR B 186 9.16 29.86 -7.80
N LYS B 187 8.08 30.00 -7.05
CA LYS B 187 7.12 31.07 -7.31
C LYS B 187 7.74 32.41 -6.95
N VAL B 188 8.54 32.44 -5.88
CA VAL B 188 9.35 33.61 -5.59
C VAL B 188 10.28 33.97 -6.75
N ILE B 189 11.06 32.99 -7.21
CA ILE B 189 12.05 33.27 -8.24
C ILE B 189 11.37 33.76 -9.50
N GLU B 190 10.25 33.11 -9.80
CA GLU B 190 9.52 33.41 -11.02
C GLU B 190 8.87 34.79 -11.01
N ASN B 191 8.37 35.24 -9.85
CA ASN B 191 7.76 36.57 -9.79
C ASN B 191 8.78 37.65 -10.00
N ILE B 192 9.97 37.47 -9.42
CA ILE B 192 11.03 38.43 -9.61
C ILE B 192 11.38 38.48 -11.09
N ARG B 193 11.44 37.32 -11.73
CA ARG B 193 11.78 37.27 -13.16
C ARG B 193 10.77 38.02 -14.01
N LEU B 194 9.48 37.91 -13.66
CA LEU B 194 8.43 38.62 -14.39
C LEU B 194 8.64 40.11 -14.26
N LEU B 195 8.85 40.55 -13.03
CA LEU B 195 9.06 41.95 -12.76
C LEU B 195 10.28 42.47 -13.54
N LYS B 196 11.36 41.70 -13.54
CA LYS B 196 12.57 42.08 -14.26
C LYS B 196 12.31 42.26 -15.76
N LYS B 197 11.54 41.34 -16.35
CA LYS B 197 11.17 41.45 -17.76
C LYS B 197 10.32 42.68 -18.01
N LYS B 198 9.44 43.01 -17.06
CA LYS B 198 8.57 44.17 -17.21
C LYS B 198 9.37 45.47 -17.18
N LYS B 199 10.28 45.55 -16.22
CA LYS B 199 11.18 46.69 -16.12
C LYS B 199 12.07 46.77 -17.36
N GLY B 200 12.38 45.61 -17.94
CA GLY B 200 13.12 45.55 -19.19
C GLY B 200 12.41 46.15 -20.38
N ASP B 201 11.10 45.89 -20.47
CA ASP B 201 10.29 46.49 -21.53
C ASP B 201 10.26 48.01 -21.37
N GLU B 202 10.13 48.48 -20.13
CA GLU B 202 10.12 49.92 -19.87
C GLU B 202 11.40 50.58 -20.32
N LEU B 203 12.52 49.88 -20.13
CA LEU B 203 13.83 50.43 -20.39
C LEU B 203 14.02 50.67 -21.87
N LYS B 204 13.46 49.79 -22.70
CA LYS B 204 13.57 49.99 -24.14
C LYS B 204 12.86 51.26 -24.56
N ILE B 205 11.68 51.48 -24.00
CA ILE B 205 10.91 52.67 -24.29
C ILE B 205 11.62 53.92 -23.74
N LEU B 206 12.25 53.79 -22.58
CA LEU B 206 12.89 54.92 -21.95
C LEU B 206 14.12 55.35 -22.74
N LYS B 207 14.91 54.39 -23.20
CA LYS B 207 16.09 54.71 -24.00
C LYS B 207 15.71 55.39 -25.31
N GLU B 208 14.59 54.99 -25.90
CA GLU B 208 14.11 55.67 -27.11
C GLU B 208 13.91 57.15 -26.83
N ARG B 209 13.04 57.40 -25.86
CA ARG B 209 12.71 58.74 -25.41
C ARG B 209 13.95 59.56 -25.06
N GLU B 210 14.96 58.90 -24.52
CA GLU B 210 16.16 59.60 -24.11
C GLU B 210 16.91 60.09 -25.33
N VAL B 211 17.00 59.23 -26.34
CA VAL B 211 17.60 59.61 -27.61
C VAL B 211 16.85 60.77 -28.23
N GLN B 212 15.54 60.76 -28.07
CA GLN B 212 14.71 61.82 -28.63
C GLN B 212 14.87 63.17 -27.93
N ASP B 213 14.88 63.13 -26.61
CA ASP B 213 14.97 64.34 -25.83
C ASP B 213 16.35 64.95 -25.94
N LYS B 214 17.35 64.09 -26.11
CA LYS B 214 18.71 64.54 -26.35
C LYS B 214 18.79 65.38 -27.63
N ALA B 215 18.15 64.88 -28.68
CA ALA B 215 18.18 65.56 -29.98
C ALA B 215 17.48 66.91 -29.93
N ASN B 216 16.38 67.00 -29.20
CA ASN B 216 15.65 68.26 -29.10
C ASN B 216 16.51 69.32 -28.42
N LYS B 217 17.34 68.88 -27.48
CA LYS B 217 18.28 69.75 -26.78
C LYS B 217 19.35 70.26 -27.72
N GLU B 218 19.84 69.42 -28.64
CA GLU B 218 20.81 69.90 -29.63
C GLU B 218 20.16 70.91 -30.60
N ARG B 219 18.88 70.71 -30.90
CA ARG B 219 18.16 71.62 -31.79
C ARG B 219 17.88 72.96 -31.10
N ALA B 220 17.46 72.89 -29.84
CA ALA B 220 17.19 74.07 -29.05
C ALA B 220 18.50 74.78 -28.73
N GLU B 221 19.58 73.99 -28.70
CA GLU B 221 20.90 74.49 -28.35
C GLU B 221 21.32 75.72 -29.16
N LEU B 234 10.59 73.55 -25.60
CA LEU B 234 10.70 75.00 -25.53
C LEU B 234 12.13 75.46 -25.84
N ASP B 235 12.85 75.89 -24.80
CA ASP B 235 14.16 76.50 -24.96
C ASP B 235 15.26 75.62 -24.41
N LEU B 236 16.51 75.94 -24.74
CA LEU B 236 17.66 75.12 -24.41
C LEU B 236 17.78 74.91 -22.91
N LYS B 237 17.33 75.85 -22.10
CA LYS B 237 17.35 75.62 -20.66
C LYS B 237 16.30 74.57 -20.29
N ASP B 238 15.09 74.71 -20.85
CA ASP B 238 14.04 73.72 -20.62
C ASP B 238 14.41 72.40 -21.31
N ALA B 239 14.96 72.48 -22.52
CA ALA B 239 15.31 71.30 -23.30
C ALA B 239 16.26 70.37 -22.54
N LYS B 240 17.11 70.97 -21.72
CA LYS B 240 18.04 70.25 -20.87
C LYS B 240 17.30 69.58 -19.69
N ALA B 241 16.22 70.20 -19.23
CA ALA B 241 15.48 69.68 -18.09
C ALA B 241 14.85 68.32 -18.40
N LYS B 242 14.09 68.23 -19.49
CA LYS B 242 13.40 66.98 -19.84
C LYS B 242 14.39 65.88 -20.22
N TYR B 243 15.50 66.28 -20.83
CA TYR B 243 16.57 65.37 -21.18
C TYR B 243 17.13 64.74 -19.93
N LYS B 244 17.30 65.56 -18.92
CA LYS B 244 17.83 65.07 -17.66
C LYS B 244 16.80 64.18 -16.96
N GLU B 245 15.54 64.59 -16.92
CA GLU B 245 14.49 63.80 -16.29
C GLU B 245 14.43 62.38 -16.84
N THR B 246 14.45 62.28 -18.16
CA THR B 246 14.39 61.00 -18.85
C THR B 246 15.68 60.20 -18.68
N HIS B 247 16.81 60.89 -18.64
CA HIS B 247 18.09 60.20 -18.46
C HIS B 247 18.11 59.50 -17.10
N ILE B 248 17.61 60.17 -16.08
CA ILE B 248 17.57 59.62 -14.74
C ILE B 248 16.65 58.41 -14.65
N LYS B 249 15.52 58.47 -15.34
CA LYS B 249 14.60 57.35 -15.36
C LYS B 249 15.24 56.13 -16.00
N VAL B 250 16.05 56.37 -17.03
CA VAL B 250 16.78 55.30 -17.67
C VAL B 250 17.79 54.67 -16.73
N GLU B 251 18.66 55.49 -16.15
CA GLU B 251 19.69 55.00 -15.25
C GLU B 251 19.05 54.36 -14.03
N THR B 252 17.98 54.96 -13.53
CA THR B 252 17.32 54.41 -12.35
C THR B 252 16.74 53.05 -12.65
N THR B 253 16.18 52.91 -13.83
CA THR B 253 15.60 51.65 -14.27
C THR B 253 16.67 50.56 -14.46
N LYS B 254 17.82 50.96 -15.03
CA LYS B 254 18.93 50.06 -15.22
C LYS B 254 19.36 49.49 -13.88
N ALA B 255 19.49 50.37 -12.89
CA ALA B 255 19.91 49.92 -11.56
C ALA B 255 18.89 48.96 -10.99
N ALA B 256 17.61 49.27 -11.19
CA ALA B 256 16.55 48.42 -10.68
C ALA B 256 16.62 47.04 -11.30
N ILE B 257 16.94 46.99 -12.59
CA ILE B 257 17.07 45.74 -13.30
C ILE B 257 18.20 44.90 -12.70
N GLU B 258 19.33 45.52 -12.40
CA GLU B 258 20.43 44.76 -11.82
C GLU B 258 20.07 44.23 -10.45
N ASP B 259 19.45 45.07 -9.64
CA ASP B 259 19.08 44.72 -8.27
C ASP B 259 18.11 43.56 -8.22
N LEU B 260 17.16 43.56 -9.15
CA LEU B 260 16.22 42.46 -9.27
C LEU B 260 16.97 41.21 -9.69
N GLY B 261 17.89 41.36 -10.65
CA GLY B 261 18.73 40.26 -11.11
C GLY B 261 19.64 39.67 -10.04
N ARG B 262 20.39 40.51 -9.32
CA ARG B 262 21.26 40.06 -8.23
C ARG B 262 20.47 39.41 -7.09
N GLY B 263 19.33 39.99 -6.78
CA GLY B 263 18.43 39.45 -5.77
C GLY B 263 17.87 38.11 -6.19
N MET B 264 17.56 37.98 -7.47
CA MET B 264 17.07 36.72 -8.00
C MET B 264 18.14 35.65 -7.81
N ALA B 265 19.38 35.99 -8.14
CA ALA B 265 20.49 35.06 -7.98
C ALA B 265 20.76 34.72 -6.53
N ALA B 266 20.73 35.72 -5.65
CA ALA B 266 20.96 35.47 -4.23
C ALA B 266 19.95 34.48 -3.64
N VAL B 267 18.67 34.62 -4.03
CA VAL B 267 17.58 33.79 -3.57
C VAL B 267 17.78 32.36 -4.05
N ASP B 268 18.12 32.23 -5.33
CA ASP B 268 18.37 30.93 -5.89
C ASP B 268 19.55 30.24 -5.20
N HIS B 269 20.60 31.00 -4.92
CA HIS B 269 21.81 30.45 -4.32
C HIS B 269 21.58 30.01 -2.87
N ALA B 270 20.92 30.87 -2.08
CA ALA B 270 20.62 30.52 -0.70
C ALA B 270 19.71 29.28 -0.65
N ILE B 271 18.79 29.18 -1.62
CA ILE B 271 17.87 28.06 -1.63
C ILE B 271 18.66 26.78 -1.94
N MET B 272 19.58 26.85 -2.88
CA MET B 272 20.33 25.67 -3.27
C MET B 272 21.27 25.19 -2.17
N GLN B 273 21.83 26.12 -1.42
CA GLN B 273 22.76 25.77 -0.35
C GLN B 273 22.03 25.24 0.87
N TYR B 274 20.89 25.84 1.17
CA TYR B 274 20.01 25.34 2.22
C TYR B 274 19.62 23.88 2.01
N HIS B 275 19.26 23.56 0.78
CA HIS B 275 18.92 22.20 0.42
C HIS B 275 20.09 21.25 0.63
N SER B 276 21.29 21.65 0.19
CA SER B 276 22.49 20.82 0.38
C SER B 276 22.79 20.58 1.84
N LYS B 277 22.81 21.65 2.64
CA LYS B 277 23.13 21.54 4.06
C LYS B 277 22.15 20.59 4.77
N MET B 278 20.89 20.77 4.43
CA MET B 278 19.83 20.01 5.01
C MET B 278 20.03 18.53 4.67
N MET B 279 20.25 18.24 3.40
CA MET B 279 20.46 16.87 2.96
C MET B 279 21.71 16.23 3.56
N GLU B 280 22.74 17.03 3.80
CA GLU B 280 23.99 16.53 4.35
C GLU B 280 23.73 16.14 5.81
N GLN B 281 22.99 16.97 6.53
CA GLN B 281 22.63 16.65 7.90
C GLN B 281 21.77 15.41 8.00
N ILE B 282 20.76 15.34 7.14
CA ILE B 282 19.82 14.23 7.14
C ILE B 282 20.54 12.91 6.89
N ASN B 283 21.40 12.87 5.88
CA ASN B 283 22.16 11.66 5.57
C ASN B 283 23.13 11.24 6.67
N ARG B 284 23.63 12.20 7.44
CA ARG B 284 24.52 11.91 8.55
C ARG B 284 23.77 11.13 9.61
N THR B 285 22.65 11.69 10.08
CA THR B 285 21.80 11.04 11.08
C THR B 285 21.33 9.67 10.60
N ILE B 286 20.92 9.58 9.35
CA ILE B 286 20.49 8.31 8.77
C ILE B 286 21.63 7.30 8.79
N ALA B 287 22.84 7.74 8.48
CA ALA B 287 23.97 6.83 8.51
C ALA B 287 24.24 6.35 9.94
N GLU B 288 24.16 7.26 10.91
CA GLU B 288 24.42 6.91 12.29
C GLU B 288 23.36 5.97 12.80
N LEU B 289 22.10 6.29 12.51
CA LEU B 289 21.00 5.48 12.99
C LEU B 289 21.08 4.09 12.38
N TRP B 290 21.39 4.01 11.09
CA TRP B 290 21.47 2.71 10.44
C TRP B 290 22.61 1.86 11.00
N GLN B 291 23.80 2.44 11.13
CA GLN B 291 24.95 1.65 11.56
C GLN B 291 24.77 1.15 12.99
N SER B 292 24.12 1.95 13.82
CA SER B 292 23.87 1.53 15.19
C SER B 292 22.82 0.45 15.33
N THR B 293 21.74 0.53 14.55
CA THR B 293 20.60 -0.33 14.87
C THR B 293 20.50 -1.56 13.98
N TYR B 294 20.84 -1.44 12.69
CA TYR B 294 20.63 -2.55 11.77
C TYR B 294 21.64 -3.67 12.05
N GLN B 295 21.15 -4.86 12.35
CA GLN B 295 22.03 -5.98 12.69
C GLN B 295 22.61 -6.72 11.49
N GLY B 296 21.94 -6.61 10.36
CA GLY B 296 22.39 -7.27 9.16
C GLY B 296 23.78 -6.83 8.69
N THR B 297 24.49 -7.73 8.03
CA THR B 297 25.80 -7.43 7.49
C THR B 297 25.71 -6.92 6.04
N ASP B 298 24.55 -7.10 5.44
CA ASP B 298 24.40 -7.00 4.00
C ASP B 298 24.27 -5.55 3.52
N ILE B 299 23.92 -4.65 4.45
CA ILE B 299 23.78 -3.23 4.17
C ILE B 299 24.57 -2.45 5.20
N ASP B 300 25.60 -1.73 4.74
CA ASP B 300 26.44 -0.97 5.64
C ASP B 300 25.79 0.33 6.06
N THR B 301 25.17 1.02 5.10
CA THR B 301 24.42 2.23 5.40
C THR B 301 23.36 2.51 4.33
N ILE B 302 22.41 3.40 4.63
CA ILE B 302 21.49 3.90 3.60
C ILE B 302 21.60 5.41 3.50
N GLN B 303 21.31 5.94 2.32
CA GLN B 303 21.41 7.37 2.07
C GLN B 303 20.29 7.84 1.19
N ILE B 304 19.89 9.09 1.38
CA ILE B 304 18.97 9.72 0.46
C ILE B 304 19.80 10.54 -0.52
N ARG B 305 19.75 10.15 -1.79
CA ARG B 305 20.46 10.83 -2.86
C ARG B 305 19.50 11.74 -3.62
N SER B 306 19.95 12.94 -3.95
CA SER B 306 19.11 13.91 -4.64
C SER B 306 19.67 14.28 -6.00
N ASP B 307 18.90 14.02 -7.07
CA ASP B 307 19.34 14.37 -8.40
C ASP B 307 18.56 15.59 -8.83
N VAL B 308 19.29 16.66 -9.15
CA VAL B 308 18.65 17.88 -9.60
C VAL B 308 18.59 17.91 -11.12
N GLU B 309 17.40 18.14 -11.63
CA GLU B 309 17.18 18.40 -13.04
C GLU B 309 17.01 19.89 -13.31
N SER B 310 17.86 20.46 -14.16
CA SER B 310 17.75 21.89 -14.46
C SER B 310 17.33 22.11 -15.89
N THR B 311 16.44 23.09 -16.07
CA THR B 311 15.98 23.48 -17.37
C THR B 311 16.23 24.97 -17.42
N THR B 312 17.08 25.40 -18.36
CA THR B 312 17.42 26.81 -18.48
C THR B 312 17.05 27.39 -19.84
N SER B 313 16.29 28.48 -19.82
CA SER B 313 15.89 29.20 -21.01
C SER B 313 15.73 30.66 -20.65
N SER B 314 15.77 31.55 -21.63
CA SER B 314 15.69 32.97 -21.31
C SER B 314 14.25 33.34 -21.00
N ASP B 315 13.31 32.52 -21.44
CA ASP B 315 11.90 32.77 -21.18
C ASP B 315 11.47 32.11 -19.87
N SER B 316 12.04 30.95 -19.56
CA SER B 316 11.67 30.29 -18.32
C SER B 316 12.81 30.39 -17.32
N GLY B 317 13.87 31.10 -17.69
CA GLY B 317 15.00 31.25 -16.80
C GLY B 317 15.55 29.89 -16.42
N THR B 318 15.97 29.77 -15.17
CA THR B 318 16.42 28.50 -14.61
C THR B 318 15.51 27.90 -13.54
N ARG B 319 14.87 26.77 -13.86
CA ARG B 319 13.99 26.10 -12.90
C ARG B 319 14.55 24.73 -12.52
N ARG B 320 14.79 24.53 -11.23
CA ARG B 320 15.31 23.26 -10.71
C ARG B 320 14.23 22.28 -10.24
N ASN B 321 14.33 21.01 -10.61
CA ASN B 321 13.42 19.97 -10.18
C ASN B 321 14.16 18.87 -9.41
N TYR B 322 13.80 18.63 -8.15
CA TYR B 322 14.54 17.61 -7.42
C TYR B 322 13.90 16.26 -7.62
N ASN B 323 14.72 15.29 -7.95
CA ASN B 323 14.31 13.91 -7.93
C ASN B 323 15.04 13.24 -6.76
N TYR B 324 14.37 12.35 -6.05
CA TYR B 324 14.95 11.74 -4.86
C TYR B 324 14.98 10.23 -4.93
N ARG B 325 15.98 9.66 -4.26
CA ARG B 325 16.21 8.23 -4.22
C ARG B 325 16.77 7.80 -2.86
N VAL B 326 16.34 6.64 -2.37
CA VAL B 326 16.94 6.05 -1.19
C VAL B 326 17.83 4.90 -1.67
N SER B 327 19.13 5.03 -1.50
CA SER B 327 20.04 3.98 -1.94
C SER B 327 20.66 3.31 -0.72
N MET B 328 21.02 2.05 -0.89
CA MET B 328 21.69 1.31 0.16
C MET B 328 23.12 1.09 -0.26
N VAL B 329 24.04 1.21 0.69
CA VAL B 329 25.46 1.13 0.41
C VAL B 329 26.08 -0.14 0.98
N LYS B 330 26.65 -0.96 0.11
CA LYS B 330 27.44 -2.11 0.57
C LYS B 330 28.80 -2.16 -0.09
N GLY B 331 29.85 -1.94 0.70
CA GLY B 331 31.19 -1.89 0.15
C GLY B 331 31.35 -0.76 -0.86
N ASP B 332 31.77 -1.12 -2.07
CA ASP B 332 31.88 -0.15 -3.15
C ASP B 332 30.51 0.20 -3.69
N THR B 333 29.62 -0.80 -3.68
CA THR B 333 28.36 -0.73 -4.41
C THR B 333 27.26 0.09 -3.75
N GLU B 334 26.55 0.83 -4.59
CA GLU B 334 25.39 1.56 -4.12
C GLU B 334 24.23 1.19 -5.05
N MET B 335 23.11 0.76 -4.47
CA MET B 335 21.93 0.44 -5.24
C MET B 335 20.71 1.16 -4.71
N ASP B 336 19.75 1.40 -5.59
CA ASP B 336 18.48 1.99 -5.19
C ASP B 336 17.74 0.93 -4.40
N MET B 337 17.23 1.29 -3.22
CA MET B 337 16.50 0.34 -2.38
C MET B 337 15.14 -0.06 -2.93
N ARG B 338 14.52 0.87 -3.66
CA ARG B 338 13.17 0.68 -4.18
C ARG B 338 13.08 -0.59 -5.02
N GLY B 339 12.21 -1.49 -4.61
CA GLY B 339 12.03 -2.74 -5.34
C GLY B 339 13.10 -3.76 -5.00
N ARG B 340 13.97 -3.42 -4.04
CA ARG B 340 15.12 -4.26 -3.72
C ARG B 340 15.36 -4.53 -2.24
N CYS B 341 14.49 -4.06 -1.36
CA CYS B 341 14.71 -4.29 0.06
C CYS B 341 13.63 -5.18 0.64
N SER B 342 13.96 -5.86 1.74
CA SER B 342 13.02 -6.76 2.39
C SER B 342 11.95 -5.99 3.17
N ALA B 343 10.93 -6.70 3.65
CA ALA B 343 9.86 -6.09 4.45
C ALA B 343 10.41 -5.39 5.69
N GLY B 344 11.32 -6.09 6.39
CA GLY B 344 11.93 -5.57 7.60
C GLY B 344 12.84 -4.37 7.37
N GLN B 345 13.63 -4.43 6.30
CA GLN B 345 14.49 -3.32 5.91
C GLN B 345 13.68 -2.06 5.64
N LYS B 346 12.55 -2.22 4.96
CA LYS B 346 11.65 -1.11 4.64
C LYS B 346 11.13 -0.43 5.90
N VAL B 347 10.83 -1.25 6.90
CA VAL B 347 10.26 -0.74 8.13
C VAL B 347 11.30 0.06 8.88
N LEU B 348 12.50 -0.47 8.99
CA LEU B 348 13.55 0.20 9.73
C LEU B 348 13.99 1.50 9.04
N ALA B 349 14.19 1.44 7.73
CA ALA B 349 14.60 2.61 6.96
C ALA B 349 13.64 3.78 7.08
N SER B 350 12.33 3.46 7.05
CA SER B 350 11.29 4.48 7.14
C SER B 350 11.25 5.13 8.53
N ILE B 351 11.48 4.35 9.57
CA ILE B 351 11.53 4.93 10.89
C ILE B 351 12.71 5.85 11.08
N ILE B 352 13.89 5.39 10.62
CA ILE B 352 15.12 6.14 10.76
C ILE B 352 15.11 7.44 9.96
N ILE B 353 14.62 7.36 8.73
CA ILE B 353 14.45 8.55 7.88
C ILE B 353 13.52 9.55 8.53
N ARG B 354 12.41 9.10 9.13
CA ARG B 354 11.51 10.04 9.82
C ARG B 354 12.18 10.66 11.06
N LEU B 355 12.95 9.87 11.78
CA LEU B 355 13.71 10.41 12.90
C LEU B 355 14.72 11.44 12.42
N ALA B 356 15.35 11.13 11.28
CA ALA B 356 16.36 12.04 10.73
C ALA B 356 15.74 13.35 10.29
N LEU B 357 14.56 13.27 9.68
CA LEU B 357 13.86 14.46 9.22
C LEU B 357 13.36 15.29 10.40
N ALA B 358 12.93 14.62 11.46
CA ALA B 358 12.42 15.33 12.62
C ALA B 358 13.57 16.09 13.22
N GLU B 359 14.72 15.44 13.31
CA GLU B 359 15.88 16.07 13.93
C GLU B 359 16.42 17.24 13.10
N SER B 360 16.35 17.14 11.78
CA SER B 360 16.89 18.21 10.94
C SER B 360 15.92 19.37 10.75
N PHE B 361 14.65 19.05 10.51
CA PHE B 361 13.66 20.07 10.17
C PHE B 361 13.02 20.73 11.40
N CYS B 362 12.91 20.01 12.52
CA CYS B 362 12.52 20.67 13.76
C CYS B 362 13.46 20.23 14.86
N ALA B 363 14.68 20.76 14.77
CA ALA B 363 15.78 20.34 15.62
C ALA B 363 15.44 20.45 17.11
N ASN B 364 14.46 21.29 17.44
CA ASN B 364 14.19 21.56 18.84
C ASN B 364 12.88 21.06 19.43
N CYS B 365 11.89 20.72 18.62
CA CYS B 365 10.69 20.16 19.24
C CYS B 365 10.84 18.65 19.14
N GLY B 366 11.00 18.02 20.29
CA GLY B 366 11.29 16.61 20.32
C GLY B 366 9.98 15.88 20.34
N LEU B 367 9.33 15.87 19.18
CA LEU B 367 8.02 15.25 19.07
C LEU B 367 7.89 14.31 17.88
N ILE B 368 7.64 13.03 18.14
CA ILE B 368 7.34 12.09 17.06
C ILE B 368 6.53 10.88 17.57
N ALA B 369 5.65 10.36 16.73
CA ALA B 369 4.85 9.19 17.10
C ALA B 369 5.28 7.95 16.29
N LEU B 370 5.64 6.88 16.98
CA LEU B 370 6.10 5.69 16.32
C LEU B 370 5.07 4.63 16.58
N ASP B 371 4.28 4.33 15.56
CA ASP B 371 3.18 3.39 15.74
C ASP B 371 3.63 2.00 15.34
N GLN B 372 3.92 1.18 16.34
CA GLN B 372 4.27 -0.23 16.16
C GLN B 372 5.58 -0.39 15.34
N PRO B 373 6.66 0.18 15.85
CA PRO B 373 7.96 0.23 15.18
C PRO B 373 8.59 -1.13 14.87
N THR B 374 8.17 -2.23 15.49
CA THR B 374 8.88 -3.47 15.26
C THR B 374 8.22 -4.39 14.21
N THR B 375 7.29 -3.84 13.43
CA THR B 375 6.65 -4.54 12.31
C THR B 375 7.66 -5.29 11.45
N ASN B 376 7.51 -6.61 11.35
CA ASN B 376 8.35 -7.43 10.49
C ASN B 376 9.83 -7.49 10.90
N LEU B 377 10.16 -6.96 12.07
CA LEU B 377 11.54 -7.02 12.55
C LEU B 377 11.83 -8.33 13.27
N ASP B 378 13.01 -8.89 13.01
CA ASP B 378 13.46 -10.09 13.71
C ASP B 378 13.98 -9.76 15.13
N SER B 379 14.31 -10.78 15.91
CA SER B 379 14.63 -10.60 17.32
C SER B 379 15.80 -9.66 17.56
N ASP B 380 16.86 -9.78 16.75
CA ASP B 380 18.03 -8.95 16.92
C ASP B 380 17.70 -7.49 16.67
N ASN B 381 16.99 -7.24 15.57
CA ASN B 381 16.67 -5.88 15.22
C ASN B 381 15.66 -5.28 16.19
N ILE B 382 14.81 -6.14 16.76
CA ILE B 382 13.84 -5.66 17.74
C ILE B 382 14.60 -5.09 18.92
N ARG B 383 15.61 -5.84 19.38
CA ARG B 383 16.45 -5.43 20.49
C ARG B 383 17.22 -4.13 20.23
N SER B 384 17.87 -4.06 19.07
CA SER B 384 18.76 -2.95 18.81
C SER B 384 17.98 -1.67 18.60
N LEU B 385 16.82 -1.79 17.96
CA LEU B 385 15.96 -0.63 17.76
C LEU B 385 15.54 -0.07 19.11
N ALA B 386 15.10 -0.96 20.00
CA ALA B 386 14.73 -0.53 21.34
C ALA B 386 15.91 0.12 22.08
N GLU B 387 17.10 -0.43 21.92
CA GLU B 387 18.23 0.11 22.67
C GLU B 387 18.64 1.44 22.09
N SER B 388 18.48 1.59 20.78
CA SER B 388 18.77 2.85 20.12
C SER B 388 17.76 3.90 20.56
N LEU B 389 16.51 3.49 20.78
CA LEU B 389 15.50 4.44 21.22
C LEU B 389 15.85 4.88 22.63
N HIS B 390 16.32 3.93 23.42
CA HIS B 390 16.71 4.20 24.79
C HIS B 390 17.89 5.19 24.75
N GLY B 391 18.74 5.03 23.74
CA GLY B 391 19.92 5.85 23.61
C GLY B 391 19.56 7.25 23.19
N ILE B 392 18.60 7.38 22.28
CA ILE B 392 18.14 8.71 21.91
C ILE B 392 17.57 9.44 23.12
N ILE B 393 16.78 8.74 23.92
CA ILE B 393 16.14 9.35 25.09
C ILE B 393 17.16 9.82 26.12
N LYS B 394 18.06 8.93 26.52
CA LYS B 394 19.11 9.25 27.48
C LYS B 394 19.86 10.51 27.08
N ALA B 395 20.21 10.63 25.80
CA ALA B 395 20.99 11.77 25.32
C ALA B 395 20.23 13.08 25.44
N ARG B 396 18.92 13.02 25.30
CA ARG B 396 18.18 14.27 25.20
C ARG B 396 17.22 14.49 26.35
N GLN B 397 17.19 13.56 27.30
CA GLN B 397 16.25 13.67 28.40
C GLN B 397 16.45 14.93 29.25
N ALA B 398 17.69 15.18 29.65
CA ALA B 398 18.06 16.35 30.45
C ALA B 398 17.71 17.67 29.78
N GLN B 399 17.94 17.74 28.48
CA GLN B 399 17.67 18.95 27.70
C GLN B 399 16.18 19.30 27.70
N GLY B 400 15.34 18.38 28.18
CA GLY B 400 13.91 18.61 28.29
C GLY B 400 13.21 18.64 26.94
N ASN B 401 14.00 18.46 25.87
CA ASN B 401 13.51 18.53 24.50
C ASN B 401 12.37 17.53 24.13
N LEU B 402 12.49 16.28 24.58
CA LEU B 402 11.71 15.15 24.04
C LEU B 402 10.27 14.89 24.56
N GLN B 403 9.33 14.77 23.62
CA GLN B 403 7.99 14.18 23.86
C GLN B 403 7.74 13.09 22.83
N LEU B 404 8.15 11.87 23.16
CA LEU B 404 8.14 10.81 22.19
C LEU B 404 7.03 9.82 22.52
N ILE B 405 6.27 9.45 21.50
CA ILE B 405 5.14 8.56 21.65
C ILE B 405 5.40 7.25 20.96
N VAL B 406 5.41 6.15 21.73
CA VAL B 406 5.61 4.82 21.16
C VAL B 406 4.37 3.96 21.39
N ILE B 407 3.83 3.37 20.32
CA ILE B 407 2.74 2.39 20.42
C ILE B 407 3.31 1.01 20.12
N THR B 408 3.01 0.04 20.96
CA THR B 408 3.53 -1.30 20.76
C THR B 408 2.74 -2.33 21.56
N HIS B 409 2.76 -3.56 21.09
CA HIS B 409 2.30 -4.68 21.88
C HIS B 409 3.38 -5.73 21.82
N ASP B 410 4.58 -5.31 21.37
CA ASP B 410 5.73 -6.20 21.26
C ASP B 410 6.43 -6.31 22.61
N GLU B 411 6.31 -7.47 23.24
CA GLU B 411 6.77 -7.65 24.60
C GLU B 411 8.30 -7.70 24.64
N GLU B 412 8.90 -8.30 23.63
CA GLU B 412 10.36 -8.34 23.51
C GLU B 412 10.94 -6.94 23.43
N PHE B 413 10.25 -6.09 22.68
CA PHE B 413 10.66 -4.72 22.48
C PHE B 413 10.60 -3.92 23.77
N LEU B 414 9.51 -4.08 24.52
CA LEU B 414 9.34 -3.34 25.76
C LEU B 414 10.44 -3.69 26.76
N LYS B 415 10.83 -4.95 26.77
CA LYS B 415 11.76 -5.47 27.75
C LYS B 415 13.17 -4.91 27.55
N TYR B 416 13.54 -4.72 26.28
CA TYR B 416 14.85 -4.22 25.94
C TYR B 416 14.91 -2.71 25.96
N MET B 417 13.77 -2.04 25.90
CA MET B 417 13.83 -0.60 25.92
C MET B 417 14.21 -0.11 27.30
N GLN B 418 13.82 -0.85 28.33
CA GLN B 418 14.15 -0.45 29.70
C GLN B 418 13.56 0.92 29.99
N CYS B 419 12.29 1.10 29.64
CA CYS B 419 11.63 2.40 29.76
C CYS B 419 11.41 2.87 31.20
N SER B 420 11.38 1.94 32.15
CA SER B 420 11.14 2.28 33.58
C SER B 420 12.08 3.36 34.11
N ASP B 421 13.21 3.52 33.44
CA ASP B 421 14.16 4.56 33.74
C ASP B 421 13.58 5.93 33.47
N PHE B 422 12.57 6.00 32.61
CA PHE B 422 12.01 7.28 32.22
C PHE B 422 10.58 7.42 32.68
N CYS B 423 9.91 6.29 32.87
CA CYS B 423 8.47 6.31 33.04
C CYS B 423 8.08 5.97 34.45
N ASP B 424 7.01 6.58 34.91
CA ASP B 424 6.40 6.21 36.16
C ASP B 424 5.07 5.54 35.85
N ASP B 425 4.66 5.69 34.60
CA ASP B 425 3.40 5.14 34.13
C ASP B 425 3.39 4.91 32.62
N PHE B 426 2.43 4.10 32.17
CA PHE B 426 2.17 3.94 30.74
C PHE B 426 0.65 3.90 30.54
N TYR B 427 0.19 4.06 29.30
CA TYR B 427 -1.26 4.00 29.05
C TYR B 427 -1.63 2.70 28.32
N ARG B 428 -2.71 2.08 28.75
CA ARG B 428 -3.23 0.90 28.09
C ARG B 428 -4.60 1.20 27.51
N VAL B 429 -4.74 0.93 26.21
CA VAL B 429 -6.05 1.08 25.58
C VAL B 429 -6.73 -0.26 25.49
N LYS B 430 -7.93 -0.33 26.04
CA LYS B 430 -8.71 -1.56 26.01
C LYS B 430 -10.15 -1.31 25.56
N ARG B 431 -10.83 -2.40 25.20
CA ARG B 431 -12.25 -2.37 24.90
C ARG B 431 -13.02 -2.73 26.16
N ASP B 432 -14.05 -1.94 26.53
CA ASP B 432 -14.90 -2.28 27.67
C ASP B 432 -16.01 -3.29 27.30
N GLU B 433 -16.90 -3.62 28.25
CA GLU B 433 -17.97 -4.60 28.03
C GLU B 433 -18.88 -4.20 26.90
N LYS B 434 -19.06 -2.90 26.72
CA LYS B 434 -19.84 -2.38 25.61
C LYS B 434 -19.01 -2.32 24.34
N GLN B 435 -17.79 -2.86 24.43
CA GLN B 435 -16.80 -2.75 23.34
C GLN B 435 -16.41 -1.30 22.99
N ASN B 436 -16.45 -0.39 23.97
CA ASN B 436 -15.94 0.96 23.74
C ASN B 436 -14.48 1.05 24.11
N SER B 437 -13.70 1.79 23.33
CA SER B 437 -12.31 1.99 23.67
C SER B 437 -12.17 2.88 24.89
N VAL B 438 -11.38 2.43 25.87
CA VAL B 438 -11.08 3.23 27.06
C VAL B 438 -9.58 3.27 27.30
N ILE B 439 -9.11 4.36 27.87
CA ILE B 439 -7.70 4.57 28.12
C ILE B 439 -7.40 4.58 29.62
N VAL B 440 -6.69 3.56 30.09
CA VAL B 440 -6.39 3.47 31.52
C VAL B 440 -4.91 3.70 31.78
N ARG B 441 -4.59 4.52 32.79
CA ARG B 441 -3.20 4.78 33.15
C ARG B 441 -2.71 3.69 34.10
N GLU B 442 -1.51 3.18 33.86
CA GLU B 442 -0.99 2.10 34.70
C GLU B 442 0.35 2.43 35.31
N SER B 443 0.66 1.76 36.41
CA SER B 443 1.90 1.99 37.11
C SER B 443 2.95 1.24 36.35
N ILE B 444 4.16 1.79 36.29
CA ILE B 444 5.22 1.16 35.52
C ILE B 444 5.43 -0.27 35.99
N THR B 445 5.00 -0.57 37.22
CA THR B 445 5.10 -1.90 37.78
C THR B 445 4.27 -2.91 36.98
#